data_8SC0
#
_entry.id   8SC0
#
_cell.length_a   71.970
_cell.length_b   91.942
_cell.length_c   144.165
_cell.angle_alpha   90.00
_cell.angle_beta   90.00
_cell.angle_gamma   90.00
#
_symmetry.space_group_name_H-M   'P 21 21 21'
#
loop_
_entity.id
_entity.type
_entity.pdbx_description
1 polymer 2,3-dihydroxybenzoate-2,3-dehydrogenase
2 non-polymer GLYCEROL
3 non-polymer NICOTINAMIDE-ADENINE-DINUCLEOTIDE
4 water water
#
_entity_poly.entity_id   1
_entity_poly.type   'polypeptide(L)'
_entity_poly.pdbx_seq_one_letter_code
;MAHHHHHHMNGLDFHGQTVWVTGAGKGIGYATALAFVEAGANVTGFDLAFDGEGYPFATEMLDVADADQVRDVCARLLND
IERLDVLVNAAGILRMGATDQLSAEDWQQTFAVNVGGAFNLFQQTMAQFRRQRGGAIVTVASDAAHTPRIGMSAYGASKA
ALKSLALTVGLELAGSGVRCNLVSPGSTDTDMQRTLWVNEDAEQQRIRGFGEQFKLGIPLGKIARPQEIANTILFLASSH
ASHITLQDIVVDGGSTLGA
;
_entity_poly.pdbx_strand_id   A,B,C,D
#
# COMPACT_ATOMS: atom_id res chain seq x y z
N LEU A 12 14.19 2.95 -24.84
CA LEU A 12 13.52 3.99 -25.61
C LEU A 12 14.27 5.30 -25.49
N ASP A 13 14.49 5.97 -26.62
CA ASP A 13 15.28 7.19 -26.69
C ASP A 13 14.32 8.36 -26.84
N PHE A 14 14.15 9.13 -25.77
CA PHE A 14 13.37 10.36 -25.79
C PHE A 14 14.26 11.60 -25.73
N HIS A 15 15.55 11.45 -26.01
CA HIS A 15 16.43 12.60 -26.01
C HIS A 15 15.94 13.65 -27.00
N GLY A 16 15.98 14.90 -26.56
CA GLY A 16 15.58 16.02 -27.38
C GLY A 16 14.09 16.27 -27.44
N GLN A 17 13.29 15.49 -26.70
CA GLN A 17 11.83 15.60 -26.75
C GLN A 17 11.31 16.31 -25.51
N THR A 18 10.29 17.16 -25.71
CA THR A 18 9.65 17.90 -24.64
C THR A 18 8.43 17.15 -24.16
N VAL A 19 8.37 16.90 -22.86
CA VAL A 19 7.34 16.06 -22.26
C VAL A 19 6.74 16.79 -21.07
N TRP A 20 5.41 16.82 -21.02
CA TRP A 20 4.64 17.33 -19.89
C TRP A 20 3.91 16.19 -19.21
N VAL A 21 3.93 16.17 -17.88
CA VAL A 21 3.25 15.13 -17.09
C VAL A 21 2.45 15.82 -15.98
N THR A 22 1.14 15.62 -15.97
CA THR A 22 0.35 16.11 -14.84
C THR A 22 0.25 15.04 -13.76
N GLY A 23 -0.08 15.48 -12.55
CA GLY A 23 -0.05 14.59 -11.40
C GLY A 23 1.35 14.11 -11.08
N ALA A 24 2.36 14.92 -11.37
CA ALA A 24 3.75 14.49 -11.28
C ALA A 24 4.33 14.60 -9.87
N GLY A 25 3.54 14.98 -8.87
CA GLY A 25 4.07 15.16 -7.54
C GLY A 25 4.33 13.86 -6.80
N LYS A 26 3.68 12.78 -7.20
CA LYS A 26 3.79 11.50 -6.50
C LYS A 26 3.14 10.43 -7.38
N GLY A 27 3.35 9.18 -6.96
CA GLY A 27 2.60 8.08 -7.56
C GLY A 27 2.96 7.85 -9.01
N ILE A 28 1.94 7.50 -9.80
CA ILE A 28 2.16 7.11 -11.19
C ILE A 28 2.72 8.28 -12.00
N GLY A 29 2.21 9.48 -11.76
CA GLY A 29 2.70 10.63 -12.51
C GLY A 29 4.16 10.92 -12.22
N TYR A 30 4.57 10.80 -10.96
CA TYR A 30 5.97 10.99 -10.63
C TYR A 30 6.83 9.91 -11.29
N ALA A 31 6.41 8.65 -11.17
CA ALA A 31 7.18 7.56 -11.77
C ALA A 31 7.28 7.70 -13.27
N THR A 32 6.23 8.27 -13.89
CA THR A 32 6.22 8.45 -15.34
C THR A 32 7.15 9.58 -15.74
N ALA A 33 7.09 10.71 -15.05
CA ALA A 33 8.03 11.79 -15.30
C ALA A 33 9.46 11.32 -15.10
N LEU A 34 9.73 10.55 -14.04
CA LEU A 34 11.07 10.04 -13.80
C LEU A 34 11.53 9.14 -14.94
N ALA A 35 10.67 8.23 -15.39
CA ALA A 35 11.02 7.36 -16.52
C ALA A 35 11.38 8.18 -17.76
N PHE A 36 10.59 9.22 -18.06
CA PHE A 36 10.91 10.07 -19.20
C PHE A 36 12.25 10.77 -19.01
N VAL A 37 12.52 11.27 -17.79
CA VAL A 37 13.83 11.87 -17.53
C VAL A 37 14.93 10.85 -17.79
N GLU A 38 14.74 9.63 -17.29
CA GLU A 38 15.75 8.59 -17.42
C GLU A 38 15.94 8.17 -18.87
N ALA A 39 14.94 8.37 -19.73
CA ALA A 39 15.04 8.07 -21.15
C ALA A 39 15.53 9.25 -22.00
N GLY A 40 15.91 10.37 -21.37
CA GLY A 40 16.49 11.49 -22.09
C GLY A 40 15.59 12.69 -22.34
N ALA A 41 14.32 12.60 -21.95
CA ALA A 41 13.36 13.66 -22.26
C ALA A 41 13.64 14.93 -21.45
N ASN A 42 13.15 16.05 -21.98
CA ASN A 42 13.13 17.33 -21.28
C ASN A 42 11.74 17.47 -20.65
N VAL A 43 11.65 17.26 -19.33
CA VAL A 43 10.38 16.98 -18.67
C VAL A 43 9.95 18.15 -17.81
N THR A 44 8.66 18.47 -17.87
CA THR A 44 8.01 19.37 -16.94
C THR A 44 6.86 18.62 -16.27
N GLY A 45 6.80 18.69 -14.95
CA GLY A 45 5.77 18.04 -14.16
C GLY A 45 4.85 19.08 -13.56
N PHE A 46 3.57 18.74 -13.50
CA PHE A 46 2.54 19.61 -12.97
C PHE A 46 1.80 18.88 -11.86
N ASP A 47 1.55 19.57 -10.76
CA ASP A 47 0.71 19.00 -9.71
C ASP A 47 0.30 20.09 -8.74
N LEU A 48 -0.68 19.76 -7.91
CA LEU A 48 -1.16 20.69 -6.90
C LEU A 48 -0.13 20.93 -5.81
N ALA A 49 0.72 19.94 -5.54
CA ALA A 49 1.76 20.06 -4.54
C ALA A 49 2.94 19.18 -4.95
N PHE A 50 4.13 19.59 -4.52
CA PHE A 50 5.37 18.85 -4.73
C PHE A 50 6.02 18.69 -3.35
N ASP A 51 5.51 17.73 -2.58
CA ASP A 51 5.90 17.54 -1.19
C ASP A 51 7.13 16.65 -1.02
N GLY A 52 7.57 15.97 -2.07
CA GLY A 52 8.79 15.19 -1.99
C GLY A 52 10.02 16.05 -1.82
N GLU A 53 11.15 15.39 -1.55
CA GLU A 53 12.38 16.10 -1.24
C GLU A 53 13.11 16.53 -2.51
N GLY A 54 13.08 15.67 -3.53
CA GLY A 54 13.75 15.97 -4.79
C GLY A 54 12.88 15.62 -5.99
N TYR A 55 12.85 16.51 -6.96
CA TYR A 55 12.18 16.26 -8.23
C TYR A 55 13.19 16.53 -9.34
N PRO A 56 13.64 15.52 -10.06
CA PRO A 56 14.66 15.69 -11.10
C PRO A 56 14.10 16.18 -12.44
N PHE A 57 13.23 17.19 -12.39
CA PHE A 57 12.64 17.79 -13.58
C PHE A 57 12.02 19.12 -13.17
N ALA A 58 11.71 19.94 -14.17
CA ALA A 58 11.05 21.21 -13.91
C ALA A 58 9.66 20.95 -13.32
N THR A 59 9.30 21.71 -12.29
CA THR A 59 8.02 21.54 -11.61
C THR A 59 7.20 22.82 -11.75
N GLU A 60 5.91 22.65 -12.00
CA GLU A 60 4.95 23.75 -12.05
C GLU A 60 3.79 23.43 -11.12
N MET A 61 3.60 24.26 -10.10
CA MET A 61 2.44 24.08 -9.23
C MET A 61 1.19 24.50 -9.99
N LEU A 62 0.18 23.65 -9.99
CA LEU A 62 -0.99 23.86 -10.84
C LEU A 62 -2.14 23.02 -10.31
N ASP A 63 -3.30 23.66 -10.16
CA ASP A 63 -4.57 22.97 -9.93
C ASP A 63 -5.20 22.73 -11.30
N VAL A 64 -5.11 21.50 -11.80
CA VAL A 64 -5.64 21.21 -13.13
C VAL A 64 -7.14 21.43 -13.21
N ALA A 65 -7.83 21.47 -12.08
CA ALA A 65 -9.27 21.74 -12.04
C ALA A 65 -9.58 23.22 -11.96
N ASP A 66 -8.59 24.08 -12.16
CA ASP A 66 -8.76 25.54 -12.21
C ASP A 66 -8.47 25.97 -13.64
N ALA A 67 -9.54 26.17 -14.42
CA ALA A 67 -9.39 26.40 -15.86
C ALA A 67 -8.55 27.64 -16.14
N ASP A 68 -8.72 28.69 -15.34
CA ASP A 68 -7.97 29.92 -15.59
C ASP A 68 -6.49 29.73 -15.27
N GLN A 69 -6.19 28.99 -14.20
CA GLN A 69 -4.80 28.73 -13.86
C GLN A 69 -4.13 27.88 -14.94
N VAL A 70 -4.84 26.88 -15.46
CA VAL A 70 -4.26 26.05 -16.53
C VAL A 70 -4.00 26.90 -17.76
N ARG A 71 -4.93 27.79 -18.10
CA ARG A 71 -4.73 28.67 -19.25
C ARG A 71 -3.47 29.52 -19.08
N ASP A 72 -3.32 30.17 -17.92
CA ASP A 72 -2.19 31.07 -17.71
C ASP A 72 -0.86 30.34 -17.74
N VAL A 73 -0.79 29.18 -17.08
CA VAL A 73 0.47 28.46 -16.98
C VAL A 73 0.86 27.87 -18.34
N CYS A 74 -0.09 27.23 -19.02
CA CYS A 74 0.22 26.60 -20.31
C CYS A 74 0.58 27.64 -21.37
N ALA A 75 -0.10 28.78 -21.37
CA ALA A 75 0.22 29.81 -22.36
C ALA A 75 1.62 30.35 -22.13
N ARG A 76 2.01 30.58 -20.87
CA ARG A 76 3.36 31.03 -20.57
C ARG A 76 4.40 30.03 -21.08
N LEU A 77 4.19 28.74 -20.81
CA LEU A 77 5.20 27.76 -21.17
C LEU A 77 5.24 27.52 -22.67
N LEU A 78 4.07 27.49 -23.31
CA LEU A 78 4.02 27.24 -24.74
C LEU A 78 4.66 28.35 -25.55
N ASN A 79 4.73 29.57 -25.01
CA ASN A 79 5.35 30.66 -25.74
C ASN A 79 6.84 30.44 -25.94
N ASP A 80 7.46 29.50 -25.21
CA ASP A 80 8.91 29.31 -25.23
C ASP A 80 9.32 27.91 -25.67
N ILE A 81 8.43 27.13 -26.28
CA ILE A 81 8.80 25.82 -26.80
C ILE A 81 8.34 25.71 -28.25
N GLU A 82 9.16 25.03 -29.07
CA GLU A 82 8.82 24.83 -30.47
C GLU A 82 7.83 23.69 -30.65
N ARG A 83 7.94 22.63 -29.86
CA ARG A 83 6.92 21.61 -29.92
C ARG A 83 6.82 20.86 -28.61
N LEU A 84 5.62 20.39 -28.34
CA LEU A 84 5.29 19.56 -27.20
C LEU A 84 5.20 18.15 -27.75
N ASP A 85 6.23 17.35 -27.52
CA ASP A 85 6.29 16.02 -28.11
C ASP A 85 5.33 15.06 -27.44
N VAL A 86 5.17 15.18 -26.12
CA VAL A 86 4.37 14.23 -25.36
C VAL A 86 3.61 14.96 -24.26
N LEU A 87 2.31 14.72 -24.19
CA LEU A 87 1.50 15.13 -23.04
C LEU A 87 1.00 13.88 -22.34
N VAL A 88 1.28 13.78 -21.04
CA VAL A 88 0.74 12.71 -20.22
C VAL A 88 -0.22 13.32 -19.20
N ASN A 89 -1.49 12.93 -19.27
CA ASN A 89 -2.50 13.27 -18.26
C ASN A 89 -2.50 12.17 -17.20
N ALA A 90 -2.06 12.51 -15.99
CA ALA A 90 -2.04 11.51 -14.93
C ALA A 90 -2.55 12.07 -13.61
N ALA A 91 -3.35 13.13 -13.64
CA ALA A 91 -3.96 13.64 -12.42
C ALA A 91 -5.20 12.82 -12.11
N GLY A 92 -5.50 12.69 -10.82
CA GLY A 92 -6.70 11.98 -10.41
C GLY A 92 -6.88 11.96 -8.91
N ILE A 93 -8.14 11.88 -8.46
CA ILE A 93 -8.45 11.69 -7.04
C ILE A 93 -9.52 10.61 -6.90
N LEU A 94 -9.57 10.00 -5.71
CA LEU A 94 -10.56 9.00 -5.37
C LEU A 94 -11.39 9.46 -4.18
N ARG A 95 -12.71 9.36 -4.31
N ARG A 95 -12.70 9.39 -4.32
CA ARG A 95 -13.63 9.62 -3.20
CA ARG A 95 -13.64 9.61 -3.24
C ARG A 95 -14.64 8.48 -3.21
C ARG A 95 -14.59 8.42 -3.26
N MET A 96 -14.49 7.55 -2.28
CA MET A 96 -15.29 6.35 -2.25
C MET A 96 -16.63 6.62 -1.59
N GLY A 97 -17.63 5.83 -1.96
CA GLY A 97 -18.92 5.87 -1.30
C GLY A 97 -19.97 5.16 -2.13
N ALA A 98 -20.96 4.60 -1.47
CA ALA A 98 -22.14 4.15 -2.20
C ALA A 98 -22.76 5.34 -2.92
N THR A 99 -23.40 5.07 -4.05
CA THR A 99 -23.89 6.16 -4.88
C THR A 99 -24.82 7.09 -4.12
N ASP A 100 -25.72 6.53 -3.30
CA ASP A 100 -26.68 7.36 -2.57
C ASP A 100 -26.12 7.91 -1.27
N GLN A 101 -24.86 7.60 -0.92
CA GLN A 101 -24.19 8.19 0.24
C GLN A 101 -23.20 9.28 -0.13
N LEU A 102 -22.81 9.38 -1.39
CA LEU A 102 -21.72 10.27 -1.78
C LEU A 102 -22.13 11.73 -1.61
N SER A 103 -21.25 12.53 -0.99
CA SER A 103 -21.55 13.93 -0.76
C SER A 103 -21.51 14.73 -2.06
N ALA A 104 -22.18 15.88 -2.05
CA ALA A 104 -22.16 16.76 -3.22
C ALA A 104 -20.74 17.21 -3.54
N GLU A 105 -19.95 17.53 -2.52
CA GLU A 105 -18.57 17.95 -2.73
C GLU A 105 -17.75 16.85 -3.37
N ASP A 106 -17.87 15.61 -2.89
CA ASP A 106 -17.08 14.52 -3.44
C ASP A 106 -17.44 14.24 -4.89
N TRP A 107 -18.75 14.32 -5.21
CA TRP A 107 -19.17 14.11 -6.60
C TRP A 107 -18.56 15.17 -7.51
N GLN A 108 -18.70 16.44 -7.14
CA GLN A 108 -18.23 17.53 -7.98
C GLN A 108 -16.71 17.51 -8.14
N GLN A 109 -15.98 17.31 -7.04
CA GLN A 109 -14.53 17.36 -7.09
C GLN A 109 -13.98 16.17 -7.88
N THR A 110 -14.62 15.00 -7.73
CA THR A 110 -14.24 13.84 -8.52
C THR A 110 -14.24 14.16 -10.01
N PHE A 111 -15.33 14.78 -10.49
CA PHE A 111 -15.41 15.07 -11.92
C PHE A 111 -14.51 16.23 -12.29
N ALA A 112 -14.45 17.27 -11.45
CA ALA A 112 -13.62 18.44 -11.77
C ALA A 112 -12.18 18.04 -11.98
N VAL A 113 -11.63 17.22 -11.08
CA VAL A 113 -10.25 16.79 -11.22
C VAL A 113 -10.11 15.72 -12.29
N ASN A 114 -10.95 14.67 -12.23
CA ASN A 114 -10.66 13.46 -13.01
C ASN A 114 -10.99 13.62 -14.49
N VAL A 115 -11.99 14.43 -14.84
CA VAL A 115 -12.32 14.75 -16.22
C VAL A 115 -11.95 16.17 -16.56
N GLY A 116 -12.34 17.12 -15.71
CA GLY A 116 -12.11 18.52 -16.01
C GLY A 116 -10.64 18.86 -16.19
N GLY A 117 -9.78 18.21 -15.41
CA GLY A 117 -8.34 18.44 -15.51
C GLY A 117 -7.82 18.20 -16.92
N ALA A 118 -8.07 17.00 -17.45
CA ALA A 118 -7.64 16.69 -18.80
C ALA A 118 -8.32 17.61 -19.82
N PHE A 119 -9.61 17.89 -19.62
CA PHE A 119 -10.32 18.81 -20.50
C PHE A 119 -9.58 20.15 -20.61
N ASN A 120 -9.17 20.71 -19.47
CA ASN A 120 -8.44 21.96 -19.49
C ASN A 120 -7.10 21.82 -20.21
N LEU A 121 -6.36 20.75 -19.92
CA LEU A 121 -5.10 20.53 -20.63
C LEU A 121 -5.32 20.46 -22.14
N PHE A 122 -6.35 19.72 -22.56
CA PHE A 122 -6.66 19.62 -23.98
C PHE A 122 -7.00 20.99 -24.56
N GLN A 123 -7.83 21.75 -23.85
CA GLN A 123 -8.19 23.08 -24.35
C GLN A 123 -6.96 23.95 -24.55
N GLN A 124 -5.91 23.78 -23.74
CA GLN A 124 -4.74 24.64 -23.80
C GLN A 124 -3.60 24.11 -24.67
N THR A 125 -3.66 22.84 -25.10
CA THR A 125 -2.57 22.26 -25.88
C THR A 125 -2.97 21.80 -27.28
N MET A 126 -4.26 21.67 -27.59
CA MET A 126 -4.64 21.13 -28.89
C MET A 126 -4.14 22.00 -30.04
N ALA A 127 -4.19 23.32 -29.89
CA ALA A 127 -3.69 24.20 -30.96
C ALA A 127 -2.20 23.96 -31.21
N GLN A 128 -1.41 23.72 -30.15
CA GLN A 128 0.00 23.43 -30.32
C GLN A 128 0.21 22.13 -31.08
N PHE A 129 -0.56 21.09 -30.73
CA PHE A 129 -0.45 19.82 -31.45
C PHE A 129 -0.80 19.99 -32.93
N ARG A 130 -1.87 20.74 -33.23
CA ARG A 130 -2.23 20.96 -34.63
C ARG A 130 -1.16 21.76 -35.38
N ARG A 131 -0.59 22.76 -34.73
CA ARG A 131 0.40 23.60 -35.40
C ARG A 131 1.68 22.81 -35.69
N GLN A 132 2.15 22.04 -34.72
CA GLN A 132 3.42 21.31 -34.89
C GLN A 132 3.26 20.10 -35.80
N ARG A 133 2.06 19.52 -35.88
CA ARG A 133 1.75 18.37 -36.73
C ARG A 133 2.46 17.08 -36.32
N GLY A 134 2.06 16.54 -35.20
CA GLY A 134 2.65 15.32 -34.68
C GLY A 134 2.68 15.41 -33.16
N GLY A 135 3.25 14.39 -32.55
CA GLY A 135 3.29 14.28 -31.10
C GLY A 135 2.37 13.16 -30.62
N ALA A 136 2.38 12.98 -29.30
CA ALA A 136 1.67 11.88 -28.68
C ALA A 136 1.03 12.33 -27.38
N ILE A 137 -0.16 11.81 -27.11
CA ILE A 137 -0.84 12.02 -25.85
C ILE A 137 -1.13 10.66 -25.24
N VAL A 138 -0.86 10.53 -23.95
CA VAL A 138 -1.25 9.36 -23.18
C VAL A 138 -2.00 9.82 -21.95
N THR A 139 -3.16 9.23 -21.70
CA THR A 139 -4.02 9.60 -20.59
C THR A 139 -4.20 8.40 -19.69
N VAL A 140 -4.01 8.60 -18.39
CA VAL A 140 -4.13 7.53 -17.41
C VAL A 140 -5.58 7.48 -16.95
N ALA A 141 -6.27 6.40 -17.29
CA ALA A 141 -7.64 6.23 -16.82
C ALA A 141 -7.64 5.33 -15.59
N SER A 142 -8.27 4.17 -15.68
CA SER A 142 -8.42 3.25 -14.55
C SER A 142 -9.13 1.99 -14.99
N ASP A 143 -8.83 0.86 -14.35
CA ASP A 143 -9.66 -0.32 -14.60
C ASP A 143 -11.10 -0.09 -14.18
N ALA A 144 -11.37 0.88 -13.29
CA ALA A 144 -12.75 1.17 -12.92
C ALA A 144 -13.55 1.78 -14.06
N ALA A 145 -12.87 2.27 -15.11
CA ALA A 145 -13.58 2.69 -16.31
C ALA A 145 -14.03 1.52 -17.17
N HIS A 146 -13.57 0.31 -16.85
CA HIS A 146 -13.84 -0.90 -17.62
C HIS A 146 -14.82 -1.85 -16.95
N THR A 147 -15.14 -1.65 -15.68
CA THR A 147 -15.99 -2.59 -14.96
C THR A 147 -16.62 -1.86 -13.79
N PRO A 148 -17.85 -2.16 -13.42
CA PRO A 148 -18.47 -1.49 -12.26
C PRO A 148 -17.84 -1.97 -10.97
N ARG A 149 -17.59 -1.01 -10.07
CA ARG A 149 -16.90 -1.24 -8.80
C ARG A 149 -17.76 -0.72 -7.66
N ILE A 150 -18.23 -1.63 -6.81
CA ILE A 150 -18.88 -1.25 -5.57
C ILE A 150 -18.00 -0.27 -4.82
N GLY A 151 -18.61 0.81 -4.33
CA GLY A 151 -17.91 1.84 -3.58
C GLY A 151 -17.23 2.89 -4.41
N MET A 152 -17.17 2.74 -5.73
CA MET A 152 -16.42 3.65 -6.59
C MET A 152 -17.24 4.12 -7.79
N SER A 153 -18.57 4.19 -7.65
CA SER A 153 -19.40 4.50 -8.81
C SER A 153 -19.01 5.84 -9.45
N ALA A 154 -18.81 6.88 -8.63
CA ALA A 154 -18.48 8.19 -9.19
C ALA A 154 -17.08 8.18 -9.78
N TYR A 155 -16.12 7.60 -9.06
CA TYR A 155 -14.78 7.49 -9.59
C TYR A 155 -14.77 6.80 -10.95
N GLY A 156 -15.39 5.62 -11.04
CA GLY A 156 -15.40 4.90 -12.30
C GLY A 156 -16.08 5.68 -13.39
N ALA A 157 -17.15 6.39 -13.06
CA ALA A 157 -17.85 7.19 -14.06
C ALA A 157 -16.99 8.32 -14.54
N SER A 158 -16.23 8.97 -13.63
CA SER A 158 -15.37 10.05 -14.06
C SER A 158 -14.27 9.53 -14.98
N LYS A 159 -13.74 8.34 -14.68
CA LYS A 159 -12.72 7.77 -15.53
C LYS A 159 -13.27 7.32 -16.88
N ALA A 160 -14.51 6.84 -16.91
CA ALA A 160 -15.12 6.51 -18.20
C ALA A 160 -15.31 7.77 -19.04
N ALA A 161 -15.68 8.88 -18.40
CA ALA A 161 -15.80 10.13 -19.14
C ALA A 161 -14.45 10.57 -19.66
N LEU A 162 -13.41 10.45 -18.83
CA LEU A 162 -12.05 10.81 -19.27
C LEU A 162 -11.63 9.98 -20.47
N LYS A 163 -11.88 8.67 -20.42
CA LYS A 163 -11.49 7.83 -21.55
C LYS A 163 -12.22 8.25 -22.81
N SER A 164 -13.53 8.50 -22.70
CA SER A 164 -14.31 8.91 -23.86
C SER A 164 -13.78 10.21 -24.45
N LEU A 165 -13.54 11.19 -23.59
CA LEU A 165 -13.01 12.48 -24.02
C LEU A 165 -11.67 12.33 -24.72
N ALA A 166 -10.76 11.55 -24.13
CA ALA A 166 -9.43 11.36 -24.70
C ALA A 166 -9.50 10.70 -26.07
N LEU A 167 -10.43 9.75 -26.23
CA LEU A 167 -10.57 9.09 -27.52
C LEU A 167 -11.10 10.04 -28.59
N THR A 168 -12.05 10.92 -28.24
CA THR A 168 -12.56 11.85 -29.25
C THR A 168 -11.52 12.91 -29.59
N VAL A 169 -10.77 13.35 -28.58
CA VAL A 169 -9.62 14.22 -28.84
C VAL A 169 -8.64 13.55 -29.80
N GLY A 170 -8.40 12.25 -29.58
CA GLY A 170 -7.55 11.52 -30.50
C GLY A 170 -8.07 11.58 -31.92
N LEU A 171 -9.38 11.43 -32.09
CA LEU A 171 -9.97 11.52 -33.42
C LEU A 171 -9.86 12.93 -33.97
N GLU A 172 -10.02 13.94 -33.11
CA GLU A 172 -9.91 15.34 -33.52
C GLU A 172 -8.50 15.69 -33.96
N LEU A 173 -7.48 15.05 -33.39
CA LEU A 173 -6.09 15.37 -33.70
C LEU A 173 -5.44 14.39 -34.67
N ALA A 174 -6.13 13.32 -35.06
CA ALA A 174 -5.51 12.30 -35.92
C ALA A 174 -5.07 12.89 -37.25
N GLY A 175 -5.86 13.81 -37.80
CA GLY A 175 -5.50 14.44 -39.07
C GLY A 175 -4.27 15.32 -38.99
N SER A 176 -3.85 15.69 -37.78
CA SER A 176 -2.60 16.37 -37.55
C SER A 176 -1.44 15.40 -37.28
N GLY A 177 -1.64 14.10 -37.45
CA GLY A 177 -0.61 13.13 -37.20
C GLY A 177 -0.35 12.82 -35.73
N VAL A 178 -1.19 13.31 -34.83
CA VAL A 178 -1.03 13.12 -33.39
C VAL A 178 -1.65 11.79 -32.99
N ARG A 179 -0.95 11.05 -32.14
CA ARG A 179 -1.47 9.80 -31.60
C ARG A 179 -1.93 10.03 -30.17
N CYS A 180 -3.01 9.37 -29.79
CA CYS A 180 -3.67 9.60 -28.52
C CYS A 180 -4.16 8.28 -27.97
N ASN A 181 -3.60 7.85 -26.83
CA ASN A 181 -3.90 6.55 -26.26
C ASN A 181 -4.06 6.67 -24.75
N LEU A 182 -4.47 5.58 -24.12
CA LEU A 182 -4.69 5.55 -22.69
C LEU A 182 -4.04 4.31 -22.10
N VAL A 183 -3.79 4.40 -20.79
CA VAL A 183 -3.42 3.27 -19.96
CA VAL A 183 -3.41 3.28 -19.96
C VAL A 183 -4.41 3.23 -18.81
N SER A 184 -4.87 2.03 -18.47
CA SER A 184 -5.87 1.84 -17.42
C SER A 184 -5.26 0.95 -16.34
N PRO A 185 -4.62 1.53 -15.34
CA PRO A 185 -4.01 0.71 -14.29
C PRO A 185 -5.06 0.06 -13.41
N GLY A 186 -4.73 -1.15 -12.93
CA GLY A 186 -5.39 -1.73 -11.79
C GLY A 186 -4.71 -1.28 -10.51
N SER A 187 -4.95 -2.03 -9.43
CA SER A 187 -4.30 -1.78 -8.16
C SER A 187 -2.79 -1.62 -8.32
N THR A 188 -2.22 -0.58 -7.71
N THR A 188 -2.26 -0.53 -7.77
CA THR A 188 -0.82 -0.24 -7.91
CA THR A 188 -0.86 -0.20 -7.84
C THR A 188 -0.12 0.02 -6.58
C THR A 188 -0.38 0.15 -6.44
N ASP A 189 1.12 -0.45 -6.47
N ASP A 189 0.91 -0.08 -6.21
CA ASP A 189 1.93 -0.39 -5.26
CA ASP A 189 1.51 0.08 -4.89
C ASP A 189 2.74 0.91 -5.22
C ASP A 189 1.31 1.49 -4.32
N THR A 190 3.26 1.22 -4.04
N THR A 190 0.93 2.46 -5.14
CA THR A 190 4.08 2.41 -3.84
CA THR A 190 0.91 3.87 -4.76
C THR A 190 5.57 2.16 -4.03
C THR A 190 -0.50 4.44 -4.82
N ASP A 191 6.01 0.90 -3.99
N ASP A 191 -0.77 5.38 -3.91
CA ASP A 191 7.43 0.53 -3.95
CA ASP A 191 -2.03 6.15 -3.87
C ASP A 191 8.12 1.06 -2.70
C ASP A 191 -3.21 5.20 -3.64
N MET A 192 7.36 1.58 -1.73
N MET A 192 -4.36 5.51 -4.24
CA MET A 192 7.94 2.23 -0.57
CA MET A 192 -5.58 4.72 -4.17
C MET A 192 8.42 1.24 0.50
C MET A 192 -5.81 4.06 -2.81
N GLN A 193 8.01 -0.02 0.43
N GLN A 193 -6.16 2.78 -2.82
CA GLN A 193 8.31 -1.00 1.47
CA GLN A 193 -6.38 1.99 -1.60
C GLN A 193 9.13 -2.17 0.94
C GLN A 193 -5.18 1.08 -1.34
N ARG A 194 9.79 -2.01 -0.21
N ARG A 194 -4.00 1.69 -1.24
CA ARG A 194 10.59 -3.08 -0.76
CA ARG A 194 -2.79 0.89 -1.14
C ARG A 194 11.85 -3.32 0.08
C ARG A 194 -2.63 0.23 0.23
N THR A 195 12.34 -2.30 0.78
N THR A 195 -3.29 0.74 1.26
CA THR A 195 13.49 -2.51 1.67
CA THR A 195 -3.17 0.19 2.60
C THR A 195 13.13 -3.38 2.86
C THR A 195 -4.50 -0.37 3.05
N LEU A 196 11.84 -3.50 3.20
N LEU A 196 -4.46 -1.57 3.64
CA LEU A 196 11.39 -4.45 4.20
CA LEU A 196 -5.67 -2.17 4.17
C LEU A 196 10.90 -5.74 3.56
C LEU A 196 -6.08 -1.45 5.46
N TRP A 197 11.24 -5.96 2.28
N TRP A 197 -7.30 -1.73 5.91
CA TRP A 197 10.93 -7.20 1.57
CA TRP A 197 -7.81 -1.16 7.15
C TRP A 197 9.43 -7.37 1.38
C TRP A 197 -7.29 -1.86 8.39
N VAL A 198 8.71 -6.27 1.23
N VAL A 198 -6.46 -2.90 8.23
CA VAL A 198 7.30 -6.27 0.87
CA VAL A 198 -5.81 -3.58 9.33
C VAL A 198 7.24 -5.82 -0.58
C VAL A 198 -4.32 -3.71 9.01
N ASN A 199 7.11 -6.78 -1.50
N ASN A 199 -3.58 -4.23 9.99
CA ASN A 199 7.10 -6.51 -2.92
CA ASN A 199 -2.13 -4.33 9.92
C ASN A 199 5.67 -6.53 -3.46
C ASN A 199 -1.71 -5.66 9.29
N GLU A 200 5.53 -6.44 -4.78
N GLU A 200 -2.10 -5.86 8.02
CA GLU A 200 4.21 -6.37 -5.39
CA GLU A 200 -1.85 -7.14 7.37
C GLU A 200 3.44 -7.68 -5.27
C GLU A 200 -1.48 -7.05 5.90
N ASP A 201 4.13 -8.79 -5.01
N ASP A 201 -1.53 -5.88 5.26
CA ASP A 201 3.48 -10.08 -4.80
CA ASP A 201 -1.17 -5.71 3.86
C ASP A 201 3.30 -10.41 -3.33
C ASP A 201 -0.57 -6.98 3.25
N ALA A 202 3.70 -9.52 -2.43
N ALA A 202 0.66 -7.29 3.65
CA ALA A 202 3.47 -9.73 -1.01
CA ALA A 202 1.39 -8.52 3.32
C ALA A 202 2.01 -10.06 -0.77
C ALA A 202 0.82 -9.25 2.11
N GLU A 203 1.76 -11.06 0.07
N GLU A 203 0.60 -10.56 2.24
CA GLU A 203 0.40 -11.53 0.34
CA GLU A 203 -0.04 -11.33 1.17
C GLU A 203 -0.53 -10.34 0.49
C GLU A 203 -1.37 -10.67 0.84
N GLN A 204 -1.58 -10.34 -0.33
N GLN A 204 -1.41 -10.00 -0.30
CA GLN A 204 -2.45 -9.18 -0.46
CA GLN A 204 -2.46 -9.03 -0.56
C GLN A 204 -3.89 -9.66 -0.57
C GLN A 204 -3.85 -9.66 -0.53
N GLN A 205 -4.80 -8.94 0.08
CA GLN A 205 -6.21 -9.25 -0.13
C GLN A 205 -6.61 -8.91 -1.57
N ARG A 206 -6.06 -7.81 -2.09
CA ARG A 206 -6.39 -7.39 -3.46
C ARG A 206 -6.07 -8.48 -4.48
N ILE A 207 -4.97 -9.21 -4.27
CA ILE A 207 -4.64 -10.28 -5.20
C ILE A 207 -5.71 -11.36 -5.16
N ARG A 208 -6.33 -11.57 -4.00
CA ARG A 208 -7.32 -12.64 -3.84
C ARG A 208 -8.68 -12.29 -4.42
N GLY A 209 -9.03 -11.01 -4.49
CA GLY A 209 -10.35 -10.63 -4.91
C GLY A 209 -11.33 -10.60 -3.75
N PHE A 210 -12.58 -10.27 -4.07
CA PHE A 210 -13.61 -10.15 -3.03
C PHE A 210 -14.94 -10.53 -3.69
N GLY A 211 -15.25 -11.83 -3.64
CA GLY A 211 -16.32 -12.36 -4.47
C GLY A 211 -17.69 -11.82 -4.12
N GLU A 212 -17.91 -11.49 -2.85
CA GLU A 212 -19.23 -11.00 -2.44
C GLU A 212 -19.55 -9.64 -3.02
N GLN A 213 -18.55 -8.90 -3.49
CA GLN A 213 -18.77 -7.66 -4.23
C GLN A 213 -18.44 -7.81 -5.71
N PHE A 214 -18.38 -9.05 -6.19
CA PHE A 214 -18.11 -9.36 -7.59
C PHE A 214 -16.84 -8.66 -8.08
N LYS A 215 -15.81 -8.75 -7.23
CA LYS A 215 -14.47 -8.26 -7.53
C LYS A 215 -13.55 -9.46 -7.75
N LEU A 216 -13.00 -9.58 -8.95
CA LEU A 216 -12.08 -10.67 -9.26
C LEU A 216 -10.72 -10.42 -8.63
N GLY A 217 -10.01 -11.51 -8.34
CA GLY A 217 -8.61 -11.42 -7.96
C GLY A 217 -7.76 -11.05 -9.17
N ILE A 218 -6.44 -11.19 -8.99
CA ILE A 218 -5.47 -10.84 -10.02
C ILE A 218 -4.81 -12.12 -10.51
N PRO A 219 -5.07 -12.56 -11.75
CA PRO A 219 -4.47 -13.81 -12.24
C PRO A 219 -2.95 -13.87 -12.13
N LEU A 220 -2.23 -12.77 -12.37
CA LEU A 220 -0.78 -12.81 -12.28
C LEU A 220 -0.25 -12.87 -10.85
N GLY A 221 -1.11 -12.75 -9.85
CA GLY A 221 -0.70 -12.96 -8.48
C GLY A 221 0.11 -11.83 -7.85
N LYS A 222 -0.04 -10.61 -8.35
CA LYS A 222 0.70 -9.45 -7.86
C LYS A 222 -0.07 -8.20 -8.27
N ILE A 223 0.19 -7.10 -7.56
CA ILE A 223 -0.35 -5.81 -7.96
C ILE A 223 0.70 -5.09 -8.81
N ALA A 224 0.32 -3.98 -9.41
CA ALA A 224 1.22 -3.26 -10.30
C ALA A 224 2.27 -2.49 -9.51
N ARG A 225 3.47 -2.41 -10.08
CA ARG A 225 4.44 -1.40 -9.67
C ARG A 225 4.28 -0.13 -10.52
N PRO A 226 4.52 1.06 -9.98
CA PRO A 226 4.39 2.27 -10.80
C PRO A 226 5.24 2.23 -12.06
N GLN A 227 6.43 1.64 -11.98
CA GLN A 227 7.29 1.53 -13.14
C GLN A 227 6.63 0.75 -14.27
N GLU A 228 5.79 -0.22 -13.94
CA GLU A 228 5.12 -1.01 -14.98
C GLU A 228 4.06 -0.18 -15.69
N ILE A 229 3.43 0.76 -14.98
CA ILE A 229 2.53 1.69 -15.65
C ILE A 229 3.33 2.68 -16.49
N ALA A 230 4.36 3.28 -15.89
CA ALA A 230 5.18 4.25 -16.60
C ALA A 230 5.75 3.66 -17.90
N ASN A 231 6.26 2.42 -17.83
CA ASN A 231 6.88 1.86 -19.02
C ASN A 231 5.87 1.62 -20.14
N THR A 232 4.60 1.37 -19.80
CA THR A 232 3.57 1.26 -20.82
C THR A 232 3.25 2.63 -21.40
N ILE A 233 3.26 3.66 -20.57
CA ILE A 233 3.06 5.02 -21.06
C ILE A 233 4.18 5.38 -22.02
N LEU A 234 5.43 5.11 -21.65
CA LEU A 234 6.55 5.46 -22.52
C LEU A 234 6.44 4.74 -23.86
N PHE A 235 6.06 3.46 -23.85
CA PHE A 235 5.86 2.76 -25.11
C PHE A 235 4.83 3.47 -25.99
N LEU A 236 3.67 3.80 -25.42
CA LEU A 236 2.62 4.43 -26.23
C LEU A 236 3.02 5.83 -26.68
N ALA A 237 3.90 6.49 -25.93
CA ALA A 237 4.39 7.81 -26.29
C ALA A 237 5.50 7.77 -27.33
N SER A 238 6.03 6.59 -27.67
CA SER A 238 7.24 6.45 -28.46
C SER A 238 6.92 6.20 -29.93
N SER A 239 7.95 6.36 -30.76
CA SER A 239 7.82 6.01 -32.17
C SER A 239 7.67 4.51 -32.38
N HIS A 240 7.93 3.68 -31.36
CA HIS A 240 7.62 2.27 -31.50
C HIS A 240 6.11 2.02 -31.56
N ALA A 241 5.31 2.97 -31.10
CA ALA A 241 3.85 2.88 -31.20
C ALA A 241 3.29 3.74 -32.34
N SER A 242 4.07 3.89 -33.41
CA SER A 242 3.78 4.91 -34.43
C SER A 242 2.53 4.63 -35.26
N HIS A 243 1.92 3.44 -35.17
CA HIS A 243 0.65 3.19 -35.82
C HIS A 243 -0.48 2.93 -34.81
N ILE A 244 -0.25 3.24 -33.54
CA ILE A 244 -1.23 2.96 -32.48
C ILE A 244 -1.90 4.26 -32.07
N THR A 245 -3.20 4.34 -32.22
CA THR A 245 -3.95 5.45 -31.65
C THR A 245 -5.36 4.97 -31.32
N LEU A 246 -5.98 5.67 -30.38
CA LEU A 246 -7.30 5.35 -29.83
C LEU A 246 -7.33 4.03 -29.07
N GLN A 247 -6.20 3.56 -28.55
CA GLN A 247 -6.15 2.34 -27.76
C GLN A 247 -6.06 2.65 -26.28
N ASP A 248 -6.44 1.66 -25.47
CA ASP A 248 -6.44 1.76 -24.01
C ASP A 248 -5.87 0.45 -23.47
N ILE A 249 -4.65 0.49 -22.96
CA ILE A 249 -4.00 -0.73 -22.47
C ILE A 249 -4.30 -0.83 -20.98
N VAL A 250 -5.04 -1.87 -20.59
CA VAL A 250 -5.28 -2.16 -19.19
C VAL A 250 -4.04 -2.85 -18.63
N VAL A 251 -3.51 -2.34 -17.53
CA VAL A 251 -2.29 -2.85 -16.92
C VAL A 251 -2.70 -3.31 -15.52
N ASP A 252 -3.17 -4.56 -15.43
CA ASP A 252 -3.81 -4.99 -14.19
C ASP A 252 -3.62 -6.48 -13.90
N GLY A 253 -2.61 -7.13 -14.47
CA GLY A 253 -2.40 -8.53 -14.18
C GLY A 253 -3.52 -9.43 -14.61
N GLY A 254 -4.40 -8.96 -15.49
CA GLY A 254 -5.48 -9.76 -15.99
C GLY A 254 -6.76 -9.69 -15.20
N SER A 255 -6.86 -8.79 -14.22
CA SER A 255 -7.96 -8.85 -13.26
C SER A 255 -9.32 -8.57 -13.89
N THR A 256 -9.40 -7.72 -14.93
CA THR A 256 -10.66 -7.51 -15.64
C THR A 256 -10.92 -8.60 -16.68
N LEU A 257 -10.01 -9.57 -16.80
CA LEU A 257 -10.10 -10.64 -17.78
C LEU A 257 -10.20 -10.10 -19.21
N GLY A 258 -9.55 -8.97 -19.45
CA GLY A 258 -9.52 -8.39 -20.78
C GLY A 258 -10.60 -7.38 -21.07
N ALA A 259 -11.50 -7.14 -20.13
CA ALA A 259 -12.52 -6.10 -20.28
C ALA A 259 -11.89 -4.73 -20.12
N LEU B 12 17.55 2.68 23.02
CA LEU B 12 17.45 1.49 23.86
C LEU B 12 18.54 0.48 23.50
N ASP B 13 19.23 -0.01 24.52
CA ASP B 13 20.35 -0.92 24.35
C ASP B 13 19.92 -2.32 24.79
N PHE B 14 19.89 -3.25 23.83
CA PHE B 14 19.59 -4.64 24.11
C PHE B 14 20.82 -5.53 23.91
N HIS B 15 22.01 -4.97 24.08
CA HIS B 15 23.23 -5.71 23.79
C HIS B 15 23.30 -6.97 24.66
N GLY B 16 23.64 -8.08 24.03
CA GLY B 16 23.81 -9.34 24.73
C GLY B 16 22.53 -10.10 25.01
N GLN B 17 21.37 -9.54 24.69
CA GLN B 17 20.11 -10.20 24.98
C GLN B 17 19.67 -11.07 23.82
N THR B 18 19.04 -12.19 24.14
CA THR B 18 18.51 -13.12 23.16
C THR B 18 17.06 -12.78 22.88
N VAL B 19 16.75 -12.49 21.62
CA VAL B 19 15.44 -12.02 21.19
C VAL B 19 14.93 -12.92 20.08
N TRP B 20 13.70 -13.42 20.23
CA TRP B 20 12.99 -14.15 19.20
C TRP B 20 11.87 -13.29 18.63
N VAL B 21 11.71 -13.31 17.31
CA VAL B 21 10.62 -12.59 16.65
C VAL B 21 10.00 -13.50 15.60
N THR B 22 8.70 -13.78 15.73
CA THR B 22 8.00 -14.51 14.71
C THR B 22 7.42 -13.55 13.66
N GLY B 23 7.10 -14.09 12.49
CA GLY B 23 6.71 -13.24 11.37
C GLY B 23 7.82 -12.33 10.88
N ALA B 24 9.07 -12.77 11.02
CA ALA B 24 10.22 -11.91 10.79
C ALA B 24 10.65 -11.86 9.33
N GLY B 25 9.92 -12.52 8.43
CA GLY B 25 10.30 -12.53 7.03
C GLY B 25 10.01 -11.24 6.29
N LYS B 26 9.10 -10.41 6.80
CA LYS B 26 8.76 -9.15 6.15
C LYS B 26 7.86 -8.35 7.09
N GLY B 27 7.55 -7.13 6.68
CA GLY B 27 6.52 -6.37 7.39
C GLY B 27 6.96 -5.97 8.79
N ILE B 28 6.00 -5.98 9.72
CA ILE B 28 6.26 -5.49 11.07
C ILE B 28 7.28 -6.37 11.78
N GLY B 29 7.14 -7.69 11.65
CA GLY B 29 8.10 -8.57 12.29
C GLY B 29 9.52 -8.37 11.80
N TYR B 30 9.68 -8.17 10.50
CA TYR B 30 11.01 -7.89 9.97
C TYR B 30 11.56 -6.59 10.51
N ALA B 31 10.74 -5.52 10.46
CA ALA B 31 11.18 -4.23 10.97
C ALA B 31 11.56 -4.32 12.44
N THR B 32 10.84 -5.16 13.20
CA THR B 32 11.13 -5.30 14.62
C THR B 32 12.41 -6.06 14.85
N ALA B 33 12.63 -7.16 14.11
CA ALA B 33 13.89 -7.86 14.21
C ALA B 33 15.05 -6.93 13.89
N LEU B 34 14.92 -6.13 12.83
CA LEU B 34 15.97 -5.18 12.47
C LEU B 34 16.24 -4.19 13.60
N ALA B 35 15.18 -3.67 14.23
CA ALA B 35 15.37 -2.71 15.31
C ALA B 35 16.12 -3.34 16.48
N PHE B 36 15.79 -4.59 16.82
CA PHE B 36 16.52 -5.29 17.86
C PHE B 36 17.98 -5.52 17.49
N VAL B 37 18.24 -5.92 16.23
CA VAL B 37 19.62 -6.11 15.79
C VAL B 37 20.40 -4.81 15.94
N GLU B 38 19.81 -3.70 15.49
CA GLU B 38 20.48 -2.41 15.58
C GLU B 38 20.66 -1.99 17.03
N ALA B 39 19.79 -2.45 17.92
CA ALA B 39 19.93 -2.18 19.35
C ALA B 39 20.89 -3.14 20.05
N GLY B 40 21.56 -4.02 19.31
CA GLY B 40 22.60 -4.86 19.85
C GLY B 40 22.17 -6.24 20.29
N ALA B 41 20.92 -6.61 20.07
CA ALA B 41 20.45 -7.92 20.50
C ALA B 41 20.98 -9.01 19.58
N ASN B 42 20.96 -10.25 20.08
CA ASN B 42 21.24 -11.44 19.30
C ASN B 42 19.88 -12.00 18.89
N VAL B 43 19.50 -11.79 17.64
CA VAL B 43 18.12 -11.96 17.19
C VAL B 43 18.00 -13.22 16.36
N THR B 44 16.90 -13.94 16.58
CA THR B 44 16.48 -15.06 15.73
C THR B 44 15.07 -14.78 15.24
N GLY B 45 14.89 -14.76 13.92
CA GLY B 45 13.58 -14.57 13.32
C GLY B 45 13.01 -15.89 12.81
N PHE B 46 11.69 -16.02 12.92
CA PHE B 46 10.96 -17.20 12.49
C PHE B 46 9.88 -16.80 11.49
N ASP B 47 9.74 -17.56 10.41
CA ASP B 47 8.67 -17.31 9.45
C ASP B 47 8.56 -18.49 8.49
N LEU B 48 7.48 -18.48 7.70
CA LEU B 48 7.26 -19.53 6.70
C LEU B 48 8.38 -19.53 5.67
N ALA B 49 8.74 -18.35 5.17
CA ALA B 49 9.80 -18.24 4.19
C ALA B 49 10.54 -16.93 4.44
N PHE B 50 11.79 -16.89 3.97
CA PHE B 50 12.63 -15.71 4.04
C PHE B 50 13.07 -15.37 2.62
N ASP B 51 12.13 -14.79 1.86
CA ASP B 51 12.33 -14.54 0.44
C ASP B 51 13.13 -13.27 0.16
N GLY B 52 13.43 -12.48 1.18
CA GLY B 52 14.29 -11.32 0.98
C GLY B 52 15.68 -11.72 0.56
N GLU B 53 16.50 -10.71 0.25
CA GLU B 53 17.87 -10.95 -0.15
C GLU B 53 18.85 -10.88 1.02
N GLY B 54 18.56 -10.04 2.01
CA GLY B 54 19.41 -9.91 3.17
C GLY B 54 18.66 -9.93 4.48
N TYR B 55 19.11 -10.79 5.39
CA TYR B 55 18.57 -10.83 6.76
C TYR B 55 19.75 -10.77 7.71
N PRO B 56 19.92 -9.67 8.46
CA PRO B 56 21.07 -9.57 9.37
C PRO B 56 20.82 -10.22 10.72
N PHE B 57 20.11 -11.34 10.72
CA PHE B 57 19.88 -12.10 11.93
C PHE B 57 19.68 -13.56 11.54
N ALA B 58 19.80 -14.45 12.52
CA ALA B 58 19.57 -15.86 12.27
C ALA B 58 18.11 -16.09 11.89
N THR B 59 17.89 -16.87 10.83
CA THR B 59 16.54 -17.17 10.36
C THR B 59 16.22 -18.65 10.53
N GLU B 60 15.00 -18.93 10.97
CA GLU B 60 14.50 -20.29 11.17
C GLU B 60 13.18 -20.40 10.42
N MET B 61 13.15 -21.24 9.38
CA MET B 61 11.89 -21.53 8.71
C MET B 61 10.96 -22.27 9.65
N LEU B 62 9.74 -21.76 9.80
CA LEU B 62 8.81 -22.28 10.79
C LEU B 62 7.38 -21.93 10.41
N ASP B 63 6.50 -22.93 10.40
CA ASP B 63 5.07 -22.70 10.34
C ASP B 63 4.55 -22.65 11.77
N VAL B 64 4.23 -21.44 12.26
CA VAL B 64 3.81 -21.30 13.65
C VAL B 64 2.51 -22.04 13.92
N ALA B 65 1.71 -22.31 12.89
CA ALA B 65 0.47 -23.05 13.04
C ALA B 65 0.69 -24.57 13.05
N ASP B 66 1.95 -25.02 12.95
CA ASP B 66 2.29 -26.44 13.00
C ASP B 66 2.88 -26.70 14.38
N ALA B 67 2.04 -27.18 15.31
CA ALA B 67 2.48 -27.32 16.70
C ALA B 67 3.64 -28.28 16.85
N ASP B 68 3.69 -29.33 16.02
CA ASP B 68 4.81 -30.25 16.07
C ASP B 68 6.10 -29.58 15.63
N GLN B 69 6.03 -28.73 14.61
CA GLN B 69 7.24 -28.06 14.13
C GLN B 69 7.70 -26.99 15.14
N VAL B 70 6.75 -26.27 15.73
CA VAL B 70 7.12 -25.30 16.76
C VAL B 70 7.81 -26.01 17.92
N ARG B 71 7.29 -27.18 18.32
CA ARG B 71 7.92 -27.95 19.38
C ARG B 71 9.36 -28.34 19.00
N ASP B 72 9.53 -28.92 17.81
CA ASP B 72 10.85 -29.35 17.37
C ASP B 72 11.84 -28.19 17.37
N VAL B 73 11.49 -27.09 16.71
CA VAL B 73 12.42 -25.98 16.53
C VAL B 73 12.76 -25.34 17.87
N CYS B 74 11.75 -25.06 18.69
CA CYS B 74 11.99 -24.36 19.95
C CYS B 74 12.82 -25.21 20.90
N ALA B 75 12.52 -26.51 21.01
CA ALA B 75 13.29 -27.38 21.89
C ALA B 75 14.76 -27.39 21.49
N ARG B 76 15.04 -27.40 20.18
CA ARG B 76 16.42 -27.40 19.73
C ARG B 76 17.13 -26.12 20.12
N LEU B 77 16.48 -24.97 19.88
CA LEU B 77 17.14 -23.69 20.14
C LEU B 77 17.30 -23.44 21.64
N LEU B 78 16.28 -23.80 22.43
CA LEU B 78 16.32 -23.53 23.86
C LEU B 78 17.40 -24.32 24.56
N ASN B 79 17.75 -25.49 24.02
CA ASN B 79 18.82 -26.30 24.61
C ASN B 79 20.14 -25.55 24.63
N ASP B 80 20.32 -24.56 23.75
CA ASP B 80 21.60 -23.89 23.56
C ASP B 80 21.63 -22.47 24.09
N ILE B 81 20.56 -22.01 24.75
CA ILE B 81 20.54 -20.65 25.28
C ILE B 81 20.20 -20.70 26.76
N GLU B 82 20.78 -19.77 27.51
CA GLU B 82 20.56 -19.68 28.94
C GLU B 82 19.38 -18.78 29.29
N ARG B 83 19.13 -17.75 28.49
CA ARG B 83 17.99 -16.86 28.67
C ARG B 83 17.34 -16.58 27.32
N LEU B 84 16.00 -16.58 27.33
CA LEU B 84 15.21 -15.97 26.27
C LEU B 84 14.75 -14.63 26.83
N ASP B 85 15.47 -13.56 26.47
CA ASP B 85 15.20 -12.26 27.08
C ASP B 85 13.90 -11.65 26.55
N VAL B 86 13.64 -11.80 25.26
CA VAL B 86 12.46 -11.19 24.65
C VAL B 86 11.87 -12.16 23.63
N LEU B 87 10.57 -12.40 23.74
CA LEU B 87 9.79 -13.07 22.71
C LEU B 87 8.81 -12.07 22.12
N VAL B 88 8.86 -11.90 20.79
CA VAL B 88 7.91 -11.08 20.07
C VAL B 88 7.08 -11.98 19.16
N ASN B 89 5.78 -12.04 19.42
CA ASN B 89 4.81 -12.69 18.55
C ASN B 89 4.33 -11.67 17.53
N ALA B 90 4.69 -11.87 16.26
CA ALA B 90 4.25 -10.96 15.22
C ALA B 90 3.78 -11.67 13.96
N ALA B 91 3.35 -12.92 14.08
CA ALA B 91 2.81 -13.65 12.94
C ALA B 91 1.33 -13.31 12.76
N GLY B 92 0.85 -13.44 11.53
CA GLY B 92 -0.56 -13.17 11.28
C GLY B 92 -0.97 -13.20 9.83
N ILE B 93 -2.24 -13.52 9.58
CA ILE B 93 -2.80 -13.50 8.23
C ILE B 93 -4.17 -12.84 8.27
N LEU B 94 -4.59 -12.36 7.10
CA LEU B 94 -5.89 -11.72 6.92
C LEU B 94 -6.67 -12.46 5.85
N ARG B 95 -7.90 -12.84 6.17
N ARG B 95 -7.88 -12.89 6.19
CA ARG B 95 -8.83 -13.41 5.19
CA ARG B 95 -8.85 -13.41 5.23
C ARG B 95 -10.15 -12.66 5.36
C ARG B 95 -10.12 -12.59 5.41
N MET B 96 -10.50 -11.85 4.39
CA MET B 96 -11.64 -10.95 4.48
C MET B 96 -12.92 -11.61 3.96
N GLY B 97 -14.05 -11.11 4.43
CA GLY B 97 -15.34 -11.53 3.94
C GLY B 97 -16.42 -11.27 4.96
N ALA B 98 -17.64 -11.12 4.47
CA ALA B 98 -18.78 -11.09 5.38
C ALA B 98 -18.82 -12.40 6.15
N THR B 99 -19.30 -12.32 7.38
CA THR B 99 -19.32 -13.49 8.25
C THR B 99 -19.99 -14.68 7.58
N ASP B 100 -21.12 -14.46 6.89
CA ASP B 100 -21.83 -15.56 6.27
C ASP B 100 -21.27 -15.94 4.90
N GLN B 101 -20.22 -15.28 4.42
CA GLN B 101 -19.58 -15.61 3.15
C GLN B 101 -18.22 -16.28 3.33
N LEU B 102 -17.63 -16.23 4.50
CA LEU B 102 -16.28 -16.76 4.71
C LEU B 102 -16.24 -18.28 4.57
N SER B 103 -15.21 -18.78 3.90
CA SER B 103 -15.10 -20.22 3.69
C SER B 103 -14.62 -20.91 4.98
N ALA B 104 -14.90 -22.21 5.06
CA ALA B 104 -14.40 -22.99 6.19
C ALA B 104 -12.88 -22.87 6.29
N GLU B 105 -12.19 -22.93 5.15
CA GLU B 105 -10.74 -22.85 5.14
C GLU B 105 -10.24 -21.51 5.67
N ASP B 106 -10.87 -20.41 5.24
CA ASP B 106 -10.43 -19.10 5.69
C ASP B 106 -10.67 -18.93 7.19
N TRP B 107 -11.79 -19.44 7.70
CA TRP B 107 -12.05 -19.37 9.14
C TRP B 107 -10.99 -20.15 9.92
N GLN B 108 -10.74 -21.39 9.52
CA GLN B 108 -9.82 -22.26 10.27
C GLN B 108 -8.40 -21.71 10.24
N GLN B 109 -7.92 -21.30 9.06
CA GLN B 109 -6.54 -20.83 8.94
C GLN B 109 -6.34 -19.50 9.67
N THR B 110 -7.36 -18.63 9.64
CA THR B 110 -7.29 -17.38 10.40
C THR B 110 -6.98 -17.66 11.87
N PHE B 111 -7.73 -18.58 12.48
CA PHE B 111 -7.53 -18.85 13.91
C PHE B 111 -6.25 -19.64 14.16
N ALA B 112 -5.94 -20.59 13.27
CA ALA B 112 -4.77 -21.43 13.47
C ALA B 112 -3.50 -20.59 13.48
N VAL B 113 -3.40 -19.60 12.59
CA VAL B 113 -2.21 -18.77 12.54
C VAL B 113 -2.26 -17.69 13.61
N ASN B 114 -3.39 -16.98 13.70
CA ASN B 114 -3.41 -15.74 14.47
C ASN B 114 -3.49 -15.99 15.97
N VAL B 115 -4.15 -17.07 16.41
CA VAL B 115 -4.19 -17.46 17.81
C VAL B 115 -3.33 -18.68 18.07
N GLY B 116 -3.45 -19.70 17.21
CA GLY B 116 -2.71 -20.93 17.42
C GLY B 116 -1.21 -20.75 17.40
N GLY B 117 -0.72 -19.85 16.55
CA GLY B 117 0.71 -19.62 16.48
C GLY B 117 1.29 -19.20 17.81
N ALA B 118 0.71 -18.15 18.41
CA ALA B 118 1.17 -17.68 19.71
C ALA B 118 0.95 -18.73 20.78
N PHE B 119 -0.19 -19.44 20.73
CA PHE B 119 -0.42 -20.54 21.66
C PHE B 119 0.73 -21.55 21.62
N ASN B 120 1.16 -21.93 20.42
CA ASN B 120 2.26 -22.88 20.30
C ASN B 120 3.55 -22.28 20.87
N LEU B 121 3.87 -21.04 20.51
CA LEU B 121 5.07 -20.40 21.06
C LEU B 121 4.99 -20.36 22.59
N PHE B 122 3.83 -19.97 23.13
CA PHE B 122 3.68 -19.96 24.59
C PHE B 122 3.88 -21.35 25.18
N GLN B 123 3.31 -22.38 24.56
CA GLN B 123 3.48 -23.73 25.08
C GLN B 123 4.94 -24.14 25.13
N GLN B 124 5.76 -23.67 24.18
CA GLN B 124 7.14 -24.12 24.11
C GLN B 124 8.13 -23.22 24.84
N THR B 125 7.73 -22.00 25.23
CA THR B 125 8.65 -21.10 25.89
C THR B 125 8.30 -20.78 27.34
N MET B 126 7.07 -21.07 27.80
CA MET B 126 6.70 -20.66 29.15
C MET B 126 7.60 -21.30 30.20
N ALA B 127 7.98 -22.57 30.00
CA ALA B 127 8.86 -23.21 30.98
C ALA B 127 10.19 -22.49 31.07
N GLN B 128 10.72 -22.02 29.92
CA GLN B 128 11.97 -21.27 29.93
C GLN B 128 11.81 -19.97 30.70
N PHE B 129 10.72 -19.24 30.44
CA PHE B 129 10.49 -17.98 31.15
C PHE B 129 10.42 -18.20 32.66
N ARG B 130 9.73 -19.25 33.10
CA ARG B 130 9.63 -19.52 34.53
C ARG B 130 10.99 -19.89 35.13
N ARG B 131 11.78 -20.67 34.40
CA ARG B 131 13.05 -21.14 34.95
C ARG B 131 14.03 -19.98 35.12
N GLN B 132 14.14 -19.12 34.10
CA GLN B 132 15.09 -18.01 34.14
C GLN B 132 14.64 -16.86 35.03
N ARG B 133 13.32 -16.71 35.25
CA ARG B 133 12.76 -15.63 36.05
C ARG B 133 13.07 -14.26 35.48
N GLY B 134 12.16 -13.74 34.67
CA GLY B 134 12.33 -12.44 34.05
C GLY B 134 12.25 -12.59 32.55
N GLY B 135 12.49 -11.47 31.87
CA GLY B 135 12.28 -11.39 30.44
C GLY B 135 10.95 -10.73 30.12
N ALA B 136 10.71 -10.58 28.82
CA ALA B 136 9.55 -9.85 28.35
C ALA B 136 8.98 -10.52 27.11
N ILE B 137 7.65 -10.42 26.99
CA ILE B 137 6.92 -10.88 25.83
C ILE B 137 6.14 -9.69 25.29
N VAL B 138 6.19 -9.51 23.97
CA VAL B 138 5.35 -8.53 23.30
C VAL B 138 4.62 -9.26 22.17
N THR B 139 3.31 -9.07 22.10
CA THR B 139 2.49 -9.74 21.11
C THR B 139 1.79 -8.69 20.27
N VAL B 140 1.85 -8.84 18.96
CA VAL B 140 1.25 -7.89 18.03
C VAL B 140 -0.18 -8.35 17.77
N ALA B 141 -1.14 -7.56 18.25
CA ALA B 141 -2.55 -7.84 17.99
C ALA B 141 -2.99 -7.01 16.79
N SER B 142 -3.99 -6.16 16.98
CA SER B 142 -4.51 -5.33 15.89
C SER B 142 -5.57 -4.39 16.45
N ASP B 143 -5.75 -3.23 15.82
CA ASP B 143 -6.88 -2.40 16.23
C ASP B 143 -8.21 -3.13 16.00
N ALA B 144 -8.24 -4.14 15.13
CA ALA B 144 -9.49 -4.86 14.91
C ALA B 144 -9.90 -5.68 16.12
N ALA B 145 -9.00 -5.92 17.08
CA ALA B 145 -9.38 -6.52 18.36
C ALA B 145 -10.07 -5.53 19.28
N HIS B 146 -10.13 -4.26 18.89
CA HIS B 146 -10.65 -3.18 19.72
C HIS B 146 -11.97 -2.64 19.22
N THR B 147 -12.36 -2.98 18.00
CA THR B 147 -13.53 -2.37 17.38
C THR B 147 -14.06 -3.31 16.32
N PRO B 148 -15.37 -3.43 16.13
CA PRO B 148 -15.87 -4.27 15.04
C PRO B 148 -15.57 -3.66 13.68
N ARG B 149 -15.14 -4.50 12.74
CA ARG B 149 -14.77 -4.08 11.40
C ARG B 149 -15.55 -4.87 10.36
N ILE B 150 -16.40 -4.18 9.60
CA ILE B 150 -17.05 -4.79 8.45
C ILE B 150 -16.00 -5.43 7.56
N GLY B 151 -16.25 -6.67 7.14
CA GLY B 151 -15.36 -7.40 6.29
C GLY B 151 -14.27 -8.18 7.00
N MET B 152 -14.11 -8.00 8.30
CA MET B 152 -13.01 -8.63 9.00
C MET B 152 -13.45 -9.30 10.31
N SER B 153 -14.67 -9.84 10.34
CA SER B 153 -15.18 -10.38 11.59
C SER B 153 -14.27 -11.48 12.14
N ALA B 154 -13.83 -12.41 11.27
CA ALA B 154 -13.00 -13.50 11.77
C ALA B 154 -11.62 -13.00 12.17
N TYR B 155 -11.02 -12.14 11.36
CA TYR B 155 -9.73 -11.56 11.71
C TYR B 155 -9.80 -10.89 13.07
N GLY B 156 -10.77 -10.02 13.28
CA GLY B 156 -10.87 -9.32 14.54
C GLY B 156 -11.10 -10.26 15.69
N ALA B 157 -11.91 -11.30 15.46
CA ALA B 157 -12.18 -12.26 16.52
C ALA B 157 -10.91 -13.02 16.88
N SER B 158 -10.12 -13.40 15.88
CA SER B 158 -8.88 -14.12 16.16
C SER B 158 -7.91 -13.23 16.94
N LYS B 159 -7.87 -11.94 16.61
CA LYS B 159 -6.97 -11.03 17.31
C LYS B 159 -7.46 -10.73 18.72
N ALA B 160 -8.77 -10.73 18.94
CA ALA B 160 -9.29 -10.59 20.30
C ALA B 160 -8.94 -11.81 21.14
N ALA B 161 -9.02 -13.00 20.54
CA ALA B 161 -8.56 -14.20 21.22
C ALA B 161 -7.08 -14.14 21.53
N LEU B 162 -6.27 -13.71 20.56
CA LEU B 162 -4.83 -13.56 20.80
C LEU B 162 -4.57 -12.66 22.00
N LYS B 163 -5.25 -11.50 22.06
CA LYS B 163 -5.02 -10.56 23.14
C LYS B 163 -5.38 -11.18 24.49
N SER B 164 -6.52 -11.84 24.56
CA SER B 164 -6.95 -12.47 25.80
C SER B 164 -5.97 -13.54 26.24
N LEU B 165 -5.57 -14.41 25.32
CA LEU B 165 -4.56 -15.42 25.62
C LEU B 165 -3.28 -14.79 26.14
N ALA B 166 -2.77 -13.77 25.46
CA ALA B 166 -1.52 -13.14 25.87
C ALA B 166 -1.64 -12.52 27.26
N LEU B 167 -2.80 -11.96 27.58
CA LEU B 167 -2.97 -11.35 28.89
C LEU B 167 -3.01 -12.40 30.00
N THR B 168 -3.64 -13.55 29.76
CA THR B 168 -3.67 -14.58 30.79
C THR B 168 -2.29 -15.22 30.97
N VAL B 169 -1.58 -15.45 29.86
CA VAL B 169 -0.19 -15.88 29.94
C VAL B 169 0.61 -14.89 30.77
N GLY B 170 0.36 -13.60 30.57
CA GLY B 170 1.04 -12.59 31.37
C GLY B 170 0.74 -12.75 32.85
N LEU B 171 -0.52 -13.06 33.18
CA LEU B 171 -0.86 -13.28 34.58
C LEU B 171 -0.22 -14.56 35.09
N GLU B 172 -0.17 -15.60 34.25
CA GLU B 172 0.47 -16.86 34.61
C GLU B 172 1.97 -16.69 34.84
N LEU B 173 2.63 -15.78 34.13
CA LEU B 173 4.07 -15.63 34.25
C LEU B 173 4.48 -14.48 35.16
N ALA B 174 3.53 -13.71 35.68
CA ALA B 174 3.89 -12.53 36.46
C ALA B 174 4.67 -12.91 37.73
N GLY B 175 4.32 -14.05 38.33
CA GLY B 175 5.02 -14.51 39.54
C GLY B 175 6.46 -14.88 39.28
N SER B 176 6.84 -15.08 38.03
CA SER B 176 8.22 -15.29 37.65
C SER B 176 8.91 -13.99 37.23
N GLY B 177 8.24 -12.85 37.39
CA GLY B 177 8.83 -11.58 37.02
C GLY B 177 8.84 -11.27 35.55
N VAL B 178 8.10 -12.04 34.75
CA VAL B 178 8.02 -11.84 33.30
C VAL B 178 6.96 -10.80 33.01
N ARG B 179 7.28 -9.87 32.12
CA ARG B 179 6.33 -8.85 31.68
C ARG B 179 5.77 -9.25 30.32
N CYS B 180 4.48 -9.00 30.11
CA CYS B 180 3.77 -9.47 28.93
C CYS B 180 2.81 -8.37 28.51
N ASN B 181 3.03 -7.84 27.31
CA ASN B 181 2.26 -6.71 26.81
C ASN B 181 1.97 -6.92 25.33
N LEU B 182 1.14 -6.04 24.79
CA LEU B 182 0.77 -6.10 23.40
C LEU B 182 0.91 -4.73 22.75
N VAL B 183 1.00 -4.77 21.42
CA VAL B 183 0.85 -3.61 20.57
CA VAL B 183 0.85 -3.61 20.57
C VAL B 183 -0.26 -3.93 19.58
N SER B 184 -1.17 -2.97 19.37
CA SER B 184 -2.28 -3.13 18.44
C SER B 184 -2.14 -2.09 17.35
N PRO B 185 -1.51 -2.43 16.24
CA PRO B 185 -1.34 -1.46 15.15
C PRO B 185 -2.64 -1.24 14.39
N GLY B 186 -2.82 -0.01 13.93
CA GLY B 186 -3.80 0.27 12.91
C GLY B 186 -3.18 0.08 11.54
N SER B 187 -3.78 0.72 10.55
CA SER B 187 -3.26 0.64 9.19
C SER B 187 -1.79 1.04 9.14
N THR B 188 -0.99 0.24 8.45
CA THR B 188 0.46 0.37 8.45
C THR B 188 1.01 0.33 7.03
N ASP B 189 2.02 1.16 6.77
N ASP B 189 1.97 1.21 6.76
CA ASP B 189 2.57 1.25 5.41
CA ASP B 189 2.61 1.41 5.47
C ASP B 189 2.93 -0.13 4.86
C ASP B 189 3.78 0.45 5.29
N THR B 190 3.59 -0.98 5.67
N THR B 190 4.14 0.20 4.03
CA THR B 190 4.15 -2.23 5.19
CA THR B 190 5.25 -0.67 3.70
C THR B 190 3.14 -3.10 4.44
C THR B 190 6.60 0.06 3.68
N ASP B 191 2.57 -4.11 5.11
N ASP B 191 6.60 1.37 3.51
CA ASP B 191 1.75 -5.08 4.42
CA ASP B 191 7.78 2.20 3.35
C ASP B 191 0.62 -5.54 5.32
C ASP B 191 8.53 1.92 2.05
N MET B 192 -0.59 -5.57 4.76
N MET B 192 7.96 1.11 1.16
CA MET B 192 -1.80 -5.91 5.48
CA MET B 192 8.63 0.74 -0.08
C MET B 192 -3.02 -5.71 4.58
C MET B 192 8.32 1.69 -1.23
N GLN B 193 -3.53 -4.47 4.52
N GLN B 193 7.42 2.66 -1.05
CA GLN B 193 -4.57 -4.08 3.59
CA GLN B 193 7.10 3.65 -2.06
C GLN B 193 -4.10 -2.90 2.73
C GLN B 193 7.61 5.04 -1.70
N ARG B 194 -2.80 -2.88 2.43
N ARG B 194 8.45 5.15 -0.66
CA ARG B 194 -2.17 -1.74 1.78
CA ARG B 194 8.95 6.46 -0.26
C ARG B 194 -2.77 -1.54 0.39
C ARG B 194 9.86 7.06 -1.33
N THR B 195 -2.37 -0.46 -0.27
N THR B 195 10.51 6.21 -2.13
CA THR B 195 -2.83 -0.21 -1.63
CA THR B 195 11.36 6.73 -3.20
C THR B 195 -4.30 0.20 -1.60
C THR B 195 10.56 7.49 -4.24
N LEU B 196 -5.04 -0.20 -2.63
N LEU B 196 9.26 7.22 -4.34
CA LEU B 196 -6.45 0.10 -2.82
CA LEU B 196 8.37 7.95 -5.23
C LEU B 196 -6.89 -0.69 -4.03
C LEU B 196 7.55 9.00 -4.48
N TRP B 197 -8.20 -0.88 -4.16
N TRP B 197 8.00 9.38 -3.28
CA TRP B 197 -8.70 -1.62 -5.30
CA TRP B 197 7.38 10.44 -2.48
C TRP B 197 -8.61 -0.83 -6.60
C TRP B 197 5.97 10.06 -2.03
N VAL B 198 -7.97 0.33 -6.62
N VAL B 198 5.72 8.77 -1.87
CA VAL B 198 -7.83 1.13 -7.82
CA VAL B 198 4.45 8.28 -1.33
C VAL B 198 -6.54 1.93 -7.73
C VAL B 198 4.71 7.84 0.11
N ASN B 199 -6.18 2.57 -8.84
N ASN B 199 4.51 8.76 1.05
CA ASN B 199 -4.90 3.25 -8.99
CA ASN B 199 4.86 8.56 2.44
C ASN B 199 -4.92 4.66 -8.40
C ASN B 199 3.62 8.16 3.23
N GLU B 200 -5.18 4.73 -7.09
N GLU B 200 3.71 8.25 4.57
CA GLU B 200 -5.32 6.04 -6.46
CA GLU B 200 2.64 7.78 5.44
C GLU B 200 -4.82 6.09 -5.02
C GLU B 200 1.42 8.69 5.39
N ASP B 201 -4.08 5.09 -4.54
N ASP B 201 1.59 9.94 4.95
CA ASP B 201 -3.64 5.01 -3.16
CA ASP B 201 0.49 10.89 4.88
C ASP B 201 -3.41 6.40 -2.58
C ASP B 201 0.00 11.12 3.45
N ALA B 202 -2.40 7.11 -3.09
N ALA B 202 0.45 10.32 2.50
CA ALA B 202 -2.18 8.52 -2.76
CA ALA B 202 -0.11 10.40 1.16
C ALA B 202 -2.41 8.80 -1.29
C ALA B 202 -1.61 10.13 1.21
N GLU B 203 -2.95 9.97 -0.96
N GLU B 203 -2.39 10.97 0.54
CA GLU B 203 -3.49 10.23 0.38
CA GLU B 203 -3.84 10.89 0.65
C GLU B 203 -4.74 9.37 0.51
C GLU B 203 -4.31 9.49 0.28
N GLN B 204 -4.61 8.25 1.22
N GLN B 204 -4.95 8.82 1.23
CA GLN B 204 -5.54 7.16 1.06
CA GLN B 204 -5.62 7.55 1.00
C GLN B 204 -6.93 7.50 1.58
C GLN B 204 -7.06 7.69 1.48
N GLN B 205 -7.90 6.74 1.09
CA GLN B 205 -9.21 6.70 1.71
C GLN B 205 -9.07 6.36 3.18
N ARG B 206 -8.05 5.57 3.54
CA ARG B 206 -7.92 5.12 4.93
C ARG B 206 -7.80 6.28 5.90
N ILE B 207 -7.05 7.32 5.53
CA ILE B 207 -6.96 8.49 6.40
C ILE B 207 -8.31 9.17 6.52
N ARG B 208 -9.11 9.16 5.44
CA ARG B 208 -10.41 9.84 5.45
C ARG B 208 -11.46 9.07 6.23
N GLY B 209 -11.34 7.75 6.29
CA GLY B 209 -12.39 6.95 6.87
C GLY B 209 -13.46 6.61 5.87
N PHE B 210 -14.49 5.92 6.36
CA PHE B 210 -15.54 5.44 5.46
C PHE B 210 -16.81 5.34 6.31
N GLY B 211 -17.58 6.45 6.32
CA GLY B 211 -18.68 6.59 7.27
C GLY B 211 -19.79 5.58 7.10
N GLU B 212 -20.03 5.14 5.87
CA GLU B 212 -21.16 4.22 5.66
C GLU B 212 -20.89 2.84 6.23
N GLN B 213 -19.63 2.47 6.48
CA GLN B 213 -19.28 1.26 7.21
C GLN B 213 -18.83 1.55 8.64
N PHE B 214 -19.12 2.75 9.14
CA PHE B 214 -18.81 3.15 10.51
C PHE B 214 -17.33 2.93 10.80
N LYS B 215 -16.51 3.39 9.85
CA LYS B 215 -15.06 3.38 9.95
C LYS B 215 -14.57 4.82 10.10
N LEU B 216 -13.95 5.11 11.23
CA LEU B 216 -13.37 6.43 11.46
C LEU B 216 -12.12 6.62 10.61
N GLY B 217 -11.86 7.87 10.26
CA GLY B 217 -10.58 8.25 9.71
C GLY B 217 -9.51 8.27 10.78
N ILE B 218 -8.36 8.82 10.44
CA ILE B 218 -7.20 8.84 11.33
C ILE B 218 -6.95 10.28 11.77
N PRO B 219 -7.17 10.60 13.05
CA PRO B 219 -6.96 12.00 13.49
C PRO B 219 -5.58 12.56 13.19
N LEU B 220 -4.51 11.76 13.33
CA LEU B 220 -3.19 12.29 13.03
C LEU B 220 -2.92 12.45 11.54
N GLY B 221 -3.83 12.04 10.67
CA GLY B 221 -3.69 12.35 9.26
C GLY B 221 -2.63 11.56 8.53
N LYS B 222 -2.31 10.36 8.98
CA LYS B 222 -1.30 9.50 8.37
C LYS B 222 -1.51 8.08 8.87
N ILE B 223 -1.02 7.11 8.09
CA ILE B 223 -1.03 5.73 8.56
C ILE B 223 0.29 5.45 9.26
N ALA B 224 0.40 4.29 9.88
CA ALA B 224 1.60 3.95 10.64
C ALA B 224 2.75 3.54 9.72
N ARG B 225 3.99 3.88 10.14
CA ARG B 225 5.17 3.26 9.58
C ARG B 225 5.56 2.02 10.40
N PRO B 226 6.15 1.03 9.76
CA PRO B 226 6.58 -0.16 10.52
C PRO B 226 7.51 0.18 11.68
N GLN B 227 8.40 1.16 11.50
CA GLN B 227 9.32 1.50 12.58
C GLN B 227 8.59 2.09 13.78
N GLU B 228 7.43 2.72 13.56
CA GLU B 228 6.67 3.24 14.68
C GLU B 228 6.05 2.12 15.50
N ILE B 229 5.72 1.00 14.84
CA ILE B 229 5.29 -0.19 15.57
C ILE B 229 6.48 -0.80 16.31
N ALA B 230 7.59 -1.00 15.59
CA ALA B 230 8.77 -1.62 16.19
C ALA B 230 9.27 -0.82 17.39
N ASN B 231 9.27 0.51 17.30
CA ASN B 231 9.76 1.31 18.42
C ASN B 231 8.89 1.12 19.65
N THR B 232 7.59 0.89 19.46
CA THR B 232 6.72 0.60 20.60
C THR B 232 7.01 -0.77 21.18
N ILE B 233 7.25 -1.76 20.32
CA ILE B 233 7.62 -3.08 20.81
C ILE B 233 8.91 -3.02 21.61
N LEU B 234 9.91 -2.30 21.10
CA LEU B 234 11.18 -2.22 21.81
C LEU B 234 10.99 -1.57 23.18
N PHE B 235 10.19 -0.49 23.24
CA PHE B 235 9.92 0.12 24.53
C PHE B 235 9.34 -0.89 25.52
N LEU B 236 8.29 -1.61 25.10
CA LEU B 236 7.63 -2.55 25.99
C LEU B 236 8.55 -3.72 26.35
N ALA B 237 9.51 -4.05 25.48
CA ALA B 237 10.47 -5.10 25.78
C ALA B 237 11.61 -4.65 26.67
N SER B 238 11.72 -3.36 26.94
CA SER B 238 12.91 -2.78 27.58
C SER B 238 12.69 -2.58 29.08
N SER B 239 13.81 -2.31 29.76
CA SER B 239 13.78 -2.02 31.19
C SER B 239 13.13 -0.67 31.49
N HIS B 240 12.94 0.17 30.48
CA HIS B 240 12.19 1.39 30.69
C HIS B 240 10.71 1.12 30.91
N ALA B 241 10.25 -0.11 30.65
CA ALA B 241 8.88 -0.52 30.91
C ALA B 241 8.80 -1.53 32.06
N SER B 242 9.75 -1.43 33.01
CA SER B 242 9.95 -2.47 34.02
C SER B 242 8.77 -2.63 34.99
N HIS B 243 7.79 -1.74 34.99
CA HIS B 243 6.59 -1.92 35.80
C HIS B 243 5.33 -2.04 34.95
N ILE B 244 5.46 -2.22 33.65
CA ILE B 244 4.33 -2.32 32.74
C ILE B 244 4.13 -3.79 32.38
N THR B 245 2.95 -4.32 32.69
CA THR B 245 2.56 -5.63 32.19
C THR B 245 1.04 -5.66 32.07
N LEU B 246 0.56 -6.54 31.19
CA LEU B 246 -0.85 -6.68 30.84
C LEU B 246 -1.43 -5.44 30.14
N GLN B 247 -0.59 -4.65 29.49
CA GLN B 247 -1.04 -3.49 28.74
C GLN B 247 -1.05 -3.77 27.24
N ASP B 248 -1.84 -2.96 26.52
CA ASP B 248 -1.98 -3.07 25.07
C ASP B 248 -1.96 -1.65 24.53
N ILE B 249 -0.88 -1.28 23.85
CA ILE B 249 -0.74 0.05 23.27
C ILE B 249 -1.26 0.01 21.85
N VAL B 250 -2.33 0.74 21.60
CA VAL B 250 -2.83 0.93 20.23
C VAL B 250 -1.98 1.98 19.54
N VAL B 251 -1.43 1.63 18.38
CA VAL B 251 -0.58 2.52 17.60
C VAL B 251 -1.31 2.78 16.29
N ASP B 252 -2.16 3.83 16.28
CA ASP B 252 -3.08 4.00 15.16
C ASP B 252 -3.44 5.45 14.88
N GLY B 253 -2.63 6.41 15.31
CA GLY B 253 -2.93 7.80 15.04
C GLY B 253 -4.23 8.29 15.63
N GLY B 254 -4.77 7.57 16.62
CA GLY B 254 -6.00 7.96 17.28
C GLY B 254 -7.29 7.47 16.64
N SER B 255 -7.22 6.56 15.66
CA SER B 255 -8.39 6.26 14.85
C SER B 255 -9.48 5.54 15.64
N THR B 256 -9.13 4.74 16.66
CA THR B 256 -10.16 4.13 17.49
C THR B 256 -10.61 5.05 18.62
N LEU B 257 -10.06 6.26 18.68
CA LEU B 257 -10.39 7.26 19.67
C LEU B 257 -10.11 6.77 21.08
N GLY B 258 -9.11 5.91 21.22
CA GLY B 258 -8.73 5.41 22.52
C GLY B 258 -9.34 4.09 22.90
N ALA B 259 -10.28 3.57 22.11
CA ALA B 259 -10.82 2.24 22.37
C ALA B 259 -9.74 1.20 22.10
N LEU C 12 14.49 -2.55 -25.91
CA LEU C 12 14.16 -3.88 -25.44
C LEU C 12 15.30 -4.86 -25.74
N ASP C 13 15.92 -5.39 -24.69
CA ASP C 13 17.07 -6.27 -24.81
C ASP C 13 16.63 -7.71 -24.54
N PHE C 14 16.61 -8.53 -25.59
CA PHE C 14 16.19 -9.92 -25.48
C PHE C 14 17.37 -10.89 -25.49
N HIS C 15 18.58 -10.40 -25.19
CA HIS C 15 19.74 -11.29 -25.12
C HIS C 15 19.50 -12.37 -24.08
N GLY C 16 19.82 -13.61 -24.44
CA GLY C 16 19.63 -14.75 -23.56
C GLY C 16 18.24 -15.34 -23.57
N GLN C 17 17.35 -14.83 -24.42
CA GLN C 17 15.98 -15.31 -24.49
C GLN C 17 15.77 -16.13 -25.76
N THR C 18 14.98 -17.19 -25.64
CA THR C 18 14.66 -18.09 -26.75
C THR C 18 13.23 -17.81 -27.18
N VAL C 19 13.06 -17.46 -28.45
CA VAL C 19 11.80 -16.98 -28.99
C VAL C 19 11.39 -17.85 -30.16
N TRP C 20 10.11 -18.21 -30.21
CA TRP C 20 9.49 -18.89 -31.34
C TRP C 20 8.53 -17.95 -32.05
N VAL C 21 8.54 -17.97 -33.39
CA VAL C 21 7.61 -17.16 -34.19
C VAL C 21 7.07 -18.02 -35.34
N THR C 22 5.77 -18.27 -35.34
CA THR C 22 5.14 -18.95 -36.47
C THR C 22 4.80 -17.95 -37.57
N GLY C 23 4.73 -18.45 -38.80
CA GLY C 23 4.49 -17.59 -39.94
C GLY C 23 5.68 -16.72 -40.30
N ALA C 24 6.89 -17.17 -39.99
CA ALA C 24 8.08 -16.35 -40.08
C ALA C 24 8.65 -16.24 -41.50
N GLY C 25 8.04 -16.91 -42.48
CA GLY C 25 8.62 -16.90 -43.82
C GLY C 25 8.54 -15.55 -44.52
N LYS C 26 7.57 -14.72 -44.14
CA LYS C 26 7.37 -13.43 -44.78
C LYS C 26 6.40 -12.61 -43.93
N GLY C 27 6.18 -11.37 -44.35
CA GLY C 27 5.14 -10.54 -43.74
C GLY C 27 5.42 -10.22 -42.28
N ILE C 28 4.36 -10.21 -41.47
CA ILE C 28 4.48 -9.81 -40.08
C ILE C 28 5.34 -10.80 -39.29
N GLY C 29 5.15 -12.10 -39.51
CA GLY C 29 5.96 -13.07 -38.80
C GLY C 29 7.44 -12.90 -39.09
N TYR C 30 7.79 -12.66 -40.36
CA TYR C 30 9.20 -12.44 -40.70
C TYR C 30 9.73 -11.17 -40.05
N ALA C 31 8.96 -10.07 -40.15
CA ALA C 31 9.40 -8.82 -39.54
C ALA C 31 9.56 -8.95 -38.04
N THR C 32 8.71 -9.77 -37.42
CA THR C 32 8.79 -9.98 -35.98
C THR C 32 10.00 -10.83 -35.61
N ALA C 33 10.24 -11.92 -36.33
CA ALA C 33 11.43 -12.72 -36.04
C ALA C 33 12.69 -11.88 -36.22
N LEU C 34 12.75 -11.09 -37.28
CA LEU C 34 13.92 -10.23 -37.49
C LEU C 34 14.09 -9.25 -36.33
N ALA C 35 12.99 -8.64 -35.87
CA ALA C 35 13.08 -7.69 -34.76
C ALA C 35 13.61 -8.35 -33.49
N PHE C 36 13.17 -9.58 -33.23
CA PHE C 36 13.69 -10.29 -32.05
C PHE C 36 15.18 -10.56 -32.18
N VAL C 37 15.64 -11.00 -33.35
CA VAL C 37 17.07 -11.22 -33.57
C VAL C 37 17.83 -9.92 -33.36
N GLU C 38 17.33 -8.83 -33.94
CA GLU C 38 18.02 -7.56 -33.81
C GLU C 38 18.09 -7.10 -32.36
N ALA C 39 17.14 -7.54 -31.53
CA ALA C 39 17.13 -7.24 -30.11
C ALA C 39 17.94 -8.24 -29.29
N GLY C 40 18.56 -9.23 -29.92
CA GLY C 40 19.47 -10.12 -29.26
C GLY C 40 18.93 -11.50 -28.93
N ALA C 41 17.70 -11.81 -29.31
CA ALA C 41 17.11 -13.10 -29.00
C ALA C 41 17.70 -14.19 -29.90
N ASN C 42 17.55 -15.43 -29.48
CA ASN C 42 17.82 -16.59 -30.31
C ASN C 42 16.47 -17.09 -30.80
N VAL C 43 16.25 -16.98 -32.11
CA VAL C 43 14.91 -17.01 -32.69
C VAL C 43 14.77 -18.24 -33.57
N THR C 44 13.64 -18.93 -33.41
CA THR C 44 13.22 -20.00 -34.31
C THR C 44 11.96 -19.53 -35.01
N GLY C 45 11.98 -19.52 -36.33
CA GLY C 45 10.82 -19.20 -37.13
C GLY C 45 10.23 -20.46 -37.74
N PHE C 46 8.92 -20.56 -37.70
CA PHE C 46 8.20 -21.70 -38.26
C PHE C 46 7.34 -21.23 -39.42
N ASP C 47 7.32 -22.02 -40.49
CA ASP C 47 6.52 -21.67 -41.65
C ASP C 47 6.42 -22.87 -42.58
N LEU C 48 5.39 -22.85 -43.43
CA LEU C 48 5.26 -23.83 -44.50
C LEU C 48 6.41 -23.74 -45.49
N ALA C 49 6.86 -22.52 -45.79
CA ALA C 49 7.87 -22.31 -46.82
C ALA C 49 8.76 -21.15 -46.42
N PHE C 50 10.03 -21.26 -46.79
CA PHE C 50 11.02 -20.20 -46.66
C PHE C 50 11.61 -20.00 -48.06
N ASP C 51 11.02 -19.10 -48.84
CA ASP C 51 11.42 -18.95 -50.23
C ASP C 51 12.79 -18.30 -50.36
N GLY C 52 13.07 -17.28 -49.56
CA GLY C 52 14.32 -16.56 -49.67
C GLY C 52 15.54 -17.40 -49.37
N GLU C 53 16.70 -16.74 -49.27
CA GLU C 53 17.94 -17.38 -48.87
C GLU C 53 18.60 -16.52 -47.79
N GLY C 54 19.38 -17.17 -46.94
CA GLY C 54 20.07 -16.47 -45.88
C GLY C 54 19.16 -15.86 -44.83
N TYR C 55 18.14 -16.59 -44.38
CA TYR C 55 17.26 -16.08 -43.35
C TYR C 55 18.05 -15.79 -42.07
N PRO C 56 17.74 -14.71 -41.36
CA PRO C 56 18.56 -14.31 -40.21
C PRO C 56 18.12 -14.95 -38.90
N PHE C 57 17.63 -16.19 -38.96
CA PHE C 57 17.20 -16.90 -37.75
C PHE C 57 17.07 -18.38 -38.12
N ALA C 58 16.79 -19.20 -37.11
CA ALA C 58 16.62 -20.61 -37.36
C ALA C 58 15.28 -20.85 -38.06
N THR C 59 15.31 -21.60 -39.16
CA THR C 59 14.14 -21.86 -39.99
C THR C 59 13.70 -23.31 -39.78
N GLU C 60 12.48 -23.50 -39.29
CA GLU C 60 11.87 -24.81 -39.10
C GLU C 60 10.67 -24.92 -40.00
N MET C 61 10.69 -25.87 -40.92
CA MET C 61 9.53 -26.11 -41.76
C MET C 61 8.45 -26.81 -40.93
N LEU C 62 7.27 -26.22 -40.89
CA LEU C 62 6.20 -26.74 -40.05
C LEU C 62 4.87 -26.26 -40.59
N ASP C 63 3.93 -27.18 -40.74
CA ASP C 63 2.54 -26.86 -41.02
C ASP C 63 1.81 -26.82 -39.67
N VAL C 64 1.45 -25.62 -39.22
CA VAL C 64 0.87 -25.49 -37.89
C VAL C 64 -0.50 -26.15 -37.79
N ALA C 65 -1.15 -26.42 -38.93
CA ALA C 65 -2.43 -27.11 -38.96
C ALA C 65 -2.28 -28.64 -39.03
N ASP C 66 -1.06 -29.15 -38.90
CA ASP C 66 -0.77 -30.58 -38.85
C ASP C 66 -0.43 -30.92 -37.40
N ALA C 67 -1.44 -31.35 -36.65
CA ALA C 67 -1.26 -31.58 -35.21
C ALA C 67 -0.08 -32.50 -34.93
N ASP C 68 0.06 -33.56 -35.71
CA ASP C 68 1.11 -34.54 -35.43
C ASP C 68 2.49 -33.95 -35.70
N GLN C 69 2.62 -33.14 -36.76
CA GLN C 69 3.89 -32.50 -37.03
C GLN C 69 4.25 -31.49 -35.95
N VAL C 70 3.26 -30.71 -35.48
CA VAL C 70 3.51 -29.76 -34.40
C VAL C 70 3.99 -30.49 -33.15
N ARG C 71 3.36 -31.62 -32.83
CA ARG C 71 3.79 -32.40 -31.67
C ARG C 71 5.25 -32.84 -31.80
N ASP C 72 5.62 -33.37 -32.97
CA ASP C 72 6.95 -33.96 -33.12
C ASP C 72 8.03 -32.88 -33.18
N VAL C 73 7.75 -31.77 -33.86
CA VAL C 73 8.75 -30.71 -33.96
C VAL C 73 8.93 -30.02 -32.61
N CYS C 74 7.83 -29.66 -31.95
CA CYS C 74 7.94 -28.97 -30.66
C CYS C 74 8.60 -29.86 -29.61
N ALA C 75 8.28 -31.15 -29.61
CA ALA C 75 8.91 -32.06 -28.66
C ALA C 75 10.43 -32.04 -28.78
N ARG C 76 10.93 -32.12 -30.01
CA ARG C 76 12.38 -32.12 -30.22
C ARG C 76 12.98 -30.78 -29.82
N LEU C 77 12.37 -29.67 -30.26
CA LEU C 77 12.95 -28.36 -30.00
C LEU C 77 12.96 -28.04 -28.51
N LEU C 78 11.88 -28.39 -27.79
CA LEU C 78 11.84 -28.14 -26.36
C LEU C 78 12.87 -28.99 -25.63
N ASN C 79 13.14 -30.20 -26.12
CA ASN C 79 14.20 -31.03 -25.55
C ASN C 79 15.57 -30.35 -25.66
N ASP C 80 15.75 -29.51 -26.69
CA ASP C 80 17.03 -28.87 -26.97
C ASP C 80 17.34 -27.70 -26.05
N ILE C 81 16.31 -27.02 -25.54
CA ILE C 81 16.48 -25.75 -24.85
C ILE C 81 16.02 -25.85 -23.40
N GLU C 82 16.50 -24.92 -22.59
CA GLU C 82 16.16 -24.89 -21.18
C GLU C 82 14.88 -24.13 -20.89
N ARG C 83 14.53 -23.17 -21.74
CA ARG C 83 13.43 -22.26 -21.44
C ARG C 83 12.92 -21.64 -22.73
N LEU C 84 11.60 -21.66 -22.92
CA LEU C 84 10.95 -20.98 -24.05
C LEU C 84 10.41 -19.64 -23.54
N ASP C 85 11.16 -18.57 -23.80
CA ASP C 85 10.83 -17.28 -23.22
C ASP C 85 9.63 -16.64 -23.88
N VAL C 86 9.45 -16.84 -25.18
CA VAL C 86 8.41 -16.15 -25.93
C VAL C 86 7.89 -17.05 -27.03
N LEU C 87 6.57 -17.14 -27.14
CA LEU C 87 5.88 -17.77 -28.25
C LEU C 87 5.07 -16.71 -28.96
N VAL C 88 5.27 -16.59 -30.28
CA VAL C 88 4.49 -15.68 -31.11
C VAL C 88 3.73 -16.50 -32.14
N ASN C 89 2.41 -16.46 -32.06
CA ASN C 89 1.54 -17.05 -33.10
C ASN C 89 1.24 -15.98 -34.13
N ALA C 90 1.82 -16.10 -35.31
CA ALA C 90 1.54 -15.17 -36.39
C ALA C 90 1.14 -15.84 -37.69
N ALA C 91 1.18 -17.16 -37.80
CA ALA C 91 0.77 -17.81 -39.03
C ALA C 91 -0.73 -17.63 -39.24
N GLY C 92 -1.14 -17.46 -40.48
CA GLY C 92 -2.53 -17.26 -40.80
C GLY C 92 -2.72 -17.19 -42.30
N ILE C 93 -3.98 -17.35 -42.71
CA ILE C 93 -4.35 -17.21 -44.11
C ILE C 93 -5.61 -16.37 -44.24
N LEU C 94 -5.76 -15.74 -45.41
CA LEU C 94 -6.91 -14.90 -45.71
C LEU C 94 -7.64 -15.50 -46.91
N ARG C 95 -8.88 -15.91 -46.71
N ARG C 95 -8.88 -15.91 -46.70
CA ARG C 95 -9.74 -16.41 -47.77
CA ARG C 95 -9.76 -16.42 -47.75
C ARG C 95 -11.03 -15.58 -47.74
C ARG C 95 -11.02 -15.57 -47.73
N MET C 96 -11.24 -14.78 -48.78
CA MET C 96 -12.34 -13.84 -48.81
C MET C 96 -13.52 -14.40 -49.60
N GLY C 97 -14.67 -13.79 -49.38
CA GLY C 97 -15.87 -14.12 -50.12
C GLY C 97 -17.11 -13.80 -49.32
N ALA C 98 -18.21 -13.57 -50.04
CA ALA C 98 -19.51 -13.48 -49.39
C ALA C 98 -19.81 -14.77 -48.66
N THR C 99 -20.50 -14.66 -47.52
CA THR C 99 -20.68 -15.83 -46.66
C THR C 99 -21.33 -16.98 -47.42
N ASP C 100 -22.36 -16.70 -48.21
CA ASP C 100 -23.05 -17.78 -48.92
C ASP C 100 -22.35 -18.17 -50.22
N GLN C 101 -21.17 -17.63 -50.50
CA GLN C 101 -20.37 -18.06 -51.65
C GLN C 101 -19.08 -18.76 -51.27
N LEU C 102 -18.65 -18.67 -50.01
CA LEU C 102 -17.37 -19.23 -49.60
C LEU C 102 -17.36 -20.74 -49.80
N SER C 103 -16.28 -21.25 -50.36
CA SER C 103 -16.16 -22.68 -50.61
C SER C 103 -15.93 -23.44 -49.30
N ALA C 104 -16.27 -24.73 -49.32
CA ALA C 104 -16.03 -25.56 -48.15
C ALA C 104 -14.55 -25.64 -47.82
N GLU C 105 -13.69 -25.68 -48.85
CA GLU C 105 -12.26 -25.72 -48.63
C GLU C 105 -11.76 -24.46 -47.95
N ASP C 106 -12.25 -23.29 -48.38
CA ASP C 106 -11.80 -22.04 -47.77
C ASP C 106 -12.28 -21.95 -46.31
N TRP C 107 -13.53 -22.32 -46.05
CA TRP C 107 -14.02 -22.31 -44.68
C TRP C 107 -13.19 -23.23 -43.79
N GLN C 108 -12.92 -24.46 -44.27
CA GLN C 108 -12.21 -25.43 -43.45
C GLN C 108 -10.76 -25.01 -43.21
N GLN C 109 -10.07 -24.59 -44.28
CA GLN C 109 -8.67 -24.21 -44.12
C GLN C 109 -8.51 -22.94 -43.30
N THR C 110 -9.45 -22.00 -43.40
CA THR C 110 -9.38 -20.79 -42.58
C THR C 110 -9.33 -21.15 -41.10
N PHE C 111 -10.19 -22.07 -40.66
CA PHE C 111 -10.26 -22.38 -39.24
C PHE C 111 -9.12 -23.31 -38.82
N ALA C 112 -8.75 -24.26 -39.70
CA ALA C 112 -7.64 -25.15 -39.38
C ALA C 112 -6.35 -24.38 -39.14
N VAL C 113 -6.06 -23.39 -39.99
CA VAL C 113 -4.83 -22.62 -39.82
C VAL C 113 -5.01 -21.56 -38.75
N ASN C 114 -6.05 -20.73 -38.86
CA ASN C 114 -6.09 -19.51 -38.06
C ASN C 114 -6.43 -19.79 -36.59
N VAL C 115 -7.17 -20.86 -36.28
CA VAL C 115 -7.44 -21.25 -34.91
C VAL C 115 -6.68 -22.52 -34.54
N GLY C 116 -6.71 -23.53 -35.42
CA GLY C 116 -6.08 -24.80 -35.10
C GLY C 116 -4.58 -24.72 -34.94
N GLY C 117 -3.93 -23.83 -35.69
CA GLY C 117 -2.48 -23.70 -35.57
C GLY C 117 -2.07 -23.28 -34.18
N ALA C 118 -2.70 -22.21 -33.67
CA ALA C 118 -2.41 -21.76 -32.32
C ALA C 118 -2.81 -22.82 -31.30
N PHE C 119 -3.94 -23.49 -31.52
CA PHE C 119 -4.36 -24.56 -30.61
C PHE C 119 -3.30 -25.64 -30.50
N ASN C 120 -2.73 -26.06 -31.65
CA ASN C 120 -1.67 -27.06 -31.64
C ASN C 120 -0.43 -26.56 -30.89
N LEU C 121 0.00 -25.32 -31.16
CA LEU C 121 1.14 -24.79 -30.44
C LEU C 121 0.87 -24.76 -28.95
N PHE C 122 -0.32 -24.31 -28.53
CA PHE C 122 -0.65 -24.28 -27.11
C PHE C 122 -0.61 -25.69 -26.51
N GLN C 123 -1.16 -26.68 -27.22
CA GLN C 123 -1.17 -28.04 -26.67
C GLN C 123 0.25 -28.55 -26.46
N GLN C 124 1.21 -28.14 -27.28
CA GLN C 124 2.56 -28.64 -27.15
C GLN C 124 3.47 -27.80 -26.28
N THR C 125 3.06 -26.57 -25.91
CA THR C 125 3.92 -25.69 -25.14
C THR C 125 3.41 -25.37 -23.74
N MET C 126 2.12 -25.59 -23.44
CA MET C 126 1.60 -25.15 -22.15
C MET C 126 2.33 -25.82 -20.99
N ALA C 127 2.62 -27.11 -21.11
CA ALA C 127 3.34 -27.81 -20.04
C ALA C 127 4.71 -27.19 -19.79
N GLN C 128 5.39 -26.78 -20.86
CA GLN C 128 6.69 -26.11 -20.71
C GLN C 128 6.54 -24.80 -19.97
N PHE C 129 5.54 -23.99 -20.35
CA PHE C 129 5.33 -22.72 -19.67
C PHE C 129 5.03 -22.93 -18.19
N ARG C 130 4.19 -23.92 -17.86
CA ARG C 130 3.92 -24.22 -16.46
C ARG C 130 5.17 -24.67 -15.73
N ARG C 131 5.97 -25.51 -16.40
CA ARG C 131 7.19 -26.04 -15.77
C ARG C 131 8.19 -24.94 -15.46
N GLN C 132 8.42 -24.01 -16.39
CA GLN C 132 9.39 -22.96 -16.18
C GLN C 132 8.85 -21.80 -15.35
N ARG C 133 7.53 -21.75 -15.12
CA ARG C 133 6.90 -20.75 -14.26
C ARG C 133 7.14 -19.32 -14.74
N GLY C 134 6.90 -19.11 -16.02
CA GLY C 134 7.05 -17.80 -16.61
C GLY C 134 7.09 -17.90 -18.13
N GLY C 135 7.24 -16.75 -18.75
CA GLY C 135 7.24 -16.64 -20.19
C GLY C 135 6.12 -15.75 -20.68
N ALA C 136 6.16 -15.50 -21.99
CA ALA C 136 5.23 -14.59 -22.63
C ALA C 136 4.74 -15.18 -23.95
N ILE C 137 3.46 -14.98 -24.22
CA ILE C 137 2.84 -15.40 -25.46
C ILE C 137 2.22 -14.16 -26.11
N VAL C 138 2.42 -13.99 -27.41
CA VAL C 138 1.75 -12.96 -28.18
C VAL C 138 1.13 -13.61 -29.40
N THR C 139 -0.15 -13.33 -29.63
CA THR C 139 -0.89 -13.92 -30.73
C THR C 139 -1.41 -12.80 -31.62
N VAL C 140 -1.21 -12.94 -32.94
CA VAL C 140 -1.62 -11.94 -33.92
C VAL C 140 -3.05 -12.27 -34.35
N ALA C 141 -4.00 -11.43 -33.96
CA ALA C 141 -5.38 -11.66 -34.37
C ALA C 141 -5.65 -10.83 -35.61
N SER C 142 -6.58 -9.88 -35.54
CA SER C 142 -6.90 -9.04 -36.69
C SER C 142 -7.92 -8.00 -36.28
N ASP C 143 -7.90 -6.82 -36.92
CA ASP C 143 -9.00 -5.90 -36.70
C ASP C 143 -10.32 -6.50 -37.13
N ALA C 144 -10.31 -7.51 -38.00
CA ALA C 144 -11.56 -8.16 -38.41
C ALA C 144 -12.19 -8.97 -37.29
N ALA C 145 -11.45 -9.26 -36.21
CA ALA C 145 -12.07 -9.86 -35.04
C ALA C 145 -12.75 -8.83 -34.15
N HIS C 146 -12.57 -7.53 -34.46
CA HIS C 146 -13.10 -6.44 -33.65
C HIS C 146 -14.33 -5.78 -34.26
N THR C 147 -14.56 -5.99 -35.55
CA THR C 147 -15.64 -5.32 -36.26
C THR C 147 -16.02 -6.21 -37.43
N PRO C 148 -17.31 -6.27 -37.81
CA PRO C 148 -17.68 -7.07 -38.98
C PRO C 148 -17.18 -6.45 -40.28
N ARG C 149 -16.66 -7.30 -41.15
CA ARG C 149 -16.06 -6.88 -42.42
C ARG C 149 -16.74 -7.63 -43.56
N ILE C 150 -17.48 -6.90 -44.41
CA ILE C 150 -18.05 -7.52 -45.59
C ILE C 150 -16.95 -8.16 -46.40
N GLY C 151 -17.17 -9.41 -46.81
CA GLY C 151 -16.18 -10.15 -47.56
C GLY C 151 -15.24 -11.00 -46.72
N MET C 152 -15.21 -10.81 -45.40
CA MET C 152 -14.25 -11.49 -44.54
C MET C 152 -14.94 -12.18 -43.37
N SER C 153 -16.19 -12.61 -43.56
CA SER C 153 -16.94 -13.20 -42.45
C SER C 153 -16.18 -14.37 -41.83
N ALA C 154 -15.70 -15.30 -42.65
CA ALA C 154 -14.97 -16.45 -42.14
C ALA C 154 -13.64 -16.04 -41.52
N TYR C 155 -12.88 -15.21 -42.22
CA TYR C 155 -11.61 -14.74 -41.70
C TYR C 155 -11.79 -14.07 -40.33
N GLY C 156 -12.73 -13.14 -40.25
CA GLY C 156 -12.95 -12.44 -38.99
C GLY C 156 -13.39 -13.38 -37.89
N ALA C 157 -14.22 -14.37 -38.23
CA ALA C 157 -14.71 -15.31 -37.23
C ALA C 157 -13.56 -16.18 -36.70
N SER C 158 -12.69 -16.63 -37.59
CA SER C 158 -11.56 -17.44 -37.16
C SER C 158 -10.63 -16.63 -36.27
N LYS C 159 -10.48 -15.34 -36.55
CA LYS C 159 -9.63 -14.50 -35.71
C LYS C 159 -10.29 -14.18 -34.38
N ALA C 160 -11.62 -14.13 -34.34
CA ALA C 160 -12.31 -13.96 -33.07
C ALA C 160 -12.17 -15.20 -32.20
N ALA C 161 -12.24 -16.38 -32.80
CA ALA C 161 -12.00 -17.62 -32.07
C ALA C 161 -10.55 -17.69 -31.58
N LEU C 162 -9.61 -17.29 -32.44
CA LEU C 162 -8.20 -17.27 -32.05
C LEU C 162 -8.01 -16.41 -30.80
N LYS C 163 -8.60 -15.22 -30.80
CA LYS C 163 -8.47 -14.31 -29.66
C LYS C 163 -9.05 -14.91 -28.40
N SER C 164 -10.27 -15.45 -28.49
CA SER C 164 -10.91 -16.07 -27.33
C SER C 164 -10.06 -17.20 -26.78
N LEU C 165 -9.59 -18.10 -27.65
CA LEU C 165 -8.70 -19.19 -27.26
C LEU C 165 -7.47 -18.66 -26.55
N ALA C 166 -6.80 -17.67 -27.12
CA ALA C 166 -5.56 -17.17 -26.53
C ALA C 166 -5.83 -16.57 -25.16
N LEU C 167 -6.96 -15.89 -25.01
CA LEU C 167 -7.28 -15.27 -23.72
C LEU C 167 -7.54 -16.32 -22.66
N THR C 168 -8.26 -17.39 -23.01
CA THR C 168 -8.49 -18.44 -22.02
C THR C 168 -7.20 -19.18 -21.69
N VAL C 169 -6.37 -19.47 -22.69
CA VAL C 169 -5.05 -20.04 -22.40
C VAL C 169 -4.28 -19.12 -21.47
N GLY C 170 -4.37 -17.81 -21.70
CA GLY C 170 -3.69 -16.86 -20.81
C GLY C 170 -4.19 -16.96 -19.38
N LEU C 171 -5.49 -17.14 -19.20
CA LEU C 171 -6.04 -17.32 -17.86
C LEU C 171 -5.58 -18.64 -17.27
N GLU C 172 -5.51 -19.68 -18.10
CA GLU C 172 -5.04 -20.99 -17.64
C GLU C 172 -3.59 -20.94 -17.18
N LEU C 173 -2.77 -20.10 -17.82
CA LEU C 173 -1.34 -20.04 -17.51
C LEU C 173 -0.96 -18.92 -16.55
N ALA C 174 -1.89 -18.01 -16.22
CA ALA C 174 -1.53 -16.87 -15.39
C ALA C 174 -0.99 -17.32 -14.04
N GLY C 175 -1.53 -18.40 -13.49
CA GLY C 175 -1.07 -18.91 -12.20
C GLY C 175 0.37 -19.37 -12.20
N SER C 176 0.92 -19.64 -13.38
CA SER C 176 2.33 -19.94 -13.54
C SER C 176 3.17 -18.69 -13.80
N GLY C 177 2.57 -17.50 -13.78
CA GLY C 177 3.31 -16.28 -14.04
C GLY C 177 3.49 -15.96 -15.49
N VAL C 178 2.83 -16.70 -16.39
CA VAL C 178 2.95 -16.50 -17.82
C VAL C 178 2.01 -15.39 -18.25
N ARG C 179 2.48 -14.52 -19.13
CA ARG C 179 1.65 -13.47 -19.70
C ARG C 179 1.26 -13.85 -21.13
N CYS C 180 0.08 -13.41 -21.53
CA CYS C 180 -0.51 -13.86 -22.80
C CYS C 180 -1.35 -12.72 -23.36
N ASN C 181 -0.93 -12.17 -24.49
CA ASN C 181 -1.55 -10.98 -25.06
C ASN C 181 -1.71 -11.15 -26.56
N LEU C 182 -2.42 -10.20 -27.16
CA LEU C 182 -2.62 -10.19 -28.60
C LEU C 182 -2.32 -8.83 -29.21
N VAL C 183 -2.04 -8.86 -30.50
CA VAL C 183 -2.01 -7.68 -31.36
CA VAL C 183 -2.02 -7.68 -31.35
C VAL C 183 -2.97 -7.91 -32.50
N SER C 184 -3.76 -6.88 -32.84
CA SER C 184 -4.76 -6.97 -33.89
C SER C 184 -4.44 -5.93 -34.96
N PRO C 185 -3.66 -6.30 -35.96
CA PRO C 185 -3.33 -5.34 -37.03
C PRO C 185 -4.54 -4.98 -37.88
N GLY C 186 -4.55 -3.73 -38.32
CA GLY C 186 -5.33 -3.34 -39.47
C GLY C 186 -4.48 -3.54 -40.70
N SER C 187 -4.92 -2.93 -41.80
CA SER C 187 -4.24 -3.06 -43.07
C SER C 187 -2.73 -2.84 -42.90
N THR C 188 -1.95 -3.81 -43.38
CA THR C 188 -0.50 -3.79 -43.24
C THR C 188 0.13 -4.08 -44.60
N ASP C 189 1.24 -3.40 -44.88
CA ASP C 189 1.92 -3.55 -46.17
C ASP C 189 2.63 -4.89 -46.28
N THR C 190 1.88 -5.92 -46.68
CA THR C 190 2.44 -7.26 -46.92
C THR C 190 1.80 -7.81 -48.19
N ASP C 191 1.92 -9.12 -48.39
CA ASP C 191 1.27 -9.78 -49.52
C ASP C 191 -0.17 -10.11 -49.19
N ASP C 201 -2.77 2.70 -55.71
CA ASP C 201 -4.09 3.32 -55.62
C ASP C 201 -5.00 2.64 -54.60
N ALA C 202 -4.78 1.34 -54.41
CA ALA C 202 -5.55 0.61 -53.40
C ALA C 202 -5.24 1.12 -52.00
N GLU C 203 -4.00 1.57 -51.77
CA GLU C 203 -3.63 2.08 -50.46
C GLU C 203 -4.41 3.35 -50.13
N GLN C 204 -4.48 4.28 -51.08
CA GLN C 204 -5.20 5.51 -50.80
C GLN C 204 -6.69 5.26 -50.58
N GLN C 205 -7.26 4.28 -51.30
CA GLN C 205 -8.68 3.98 -51.10
C GLN C 205 -8.93 3.38 -49.72
N ARG C 206 -8.04 2.50 -49.24
CA ARG C 206 -8.18 1.98 -47.88
C ARG C 206 -8.12 3.11 -46.86
N ILE C 207 -7.19 4.04 -47.04
CA ILE C 207 -7.04 5.15 -46.09
C ILE C 207 -8.29 5.99 -46.06
N ARG C 208 -8.90 6.18 -47.23
CA ARG C 208 -10.13 6.95 -47.31
C ARG C 208 -11.30 6.19 -46.68
N GLY C 209 -11.34 4.88 -46.85
CA GLY C 209 -12.46 4.07 -46.40
C GLY C 209 -13.44 3.79 -47.53
N PHE C 210 -14.43 2.96 -47.21
CA PHE C 210 -15.45 2.52 -48.18
C PHE C 210 -16.81 2.64 -47.50
N GLY C 211 -17.41 3.84 -47.58
CA GLY C 211 -18.61 4.10 -46.82
C GLY C 211 -19.78 3.21 -47.19
N GLU C 212 -19.88 2.81 -48.46
CA GLU C 212 -20.97 1.96 -48.90
C GLU C 212 -20.87 0.55 -48.35
N GLN C 213 -19.68 0.12 -47.93
CA GLN C 213 -19.49 -1.16 -47.27
C GLN C 213 -19.24 -0.99 -45.78
N PHE C 214 -19.53 0.19 -45.23
CA PHE C 214 -19.44 0.45 -43.79
C PHE C 214 -18.05 0.11 -43.26
N LYS C 215 -17.04 0.49 -44.04
CA LYS C 215 -15.63 0.37 -43.68
C LYS C 215 -15.05 1.77 -43.50
N LEU C 216 -14.69 2.10 -42.26
CA LEU C 216 -14.09 3.39 -41.96
C LEU C 216 -12.68 3.49 -42.55
N GLY C 217 -12.29 4.70 -42.92
CA GLY C 217 -10.92 4.99 -43.28
C GLY C 217 -10.00 4.95 -42.07
N ILE C 218 -8.79 5.45 -42.27
CA ILE C 218 -7.73 5.36 -41.28
C ILE C 218 -7.38 6.77 -40.80
N PRO C 219 -7.71 7.12 -39.56
CA PRO C 219 -7.45 8.50 -39.09
C PRO C 219 -6.01 8.94 -39.20
N LEU C 220 -5.04 8.06 -38.95
CA LEU C 220 -3.64 8.47 -39.05
C LEU C 220 -3.16 8.62 -40.49
N GLY C 221 -3.97 8.28 -41.48
CA GLY C 221 -3.67 8.61 -42.86
C GLY C 221 -2.63 7.74 -43.52
N LYS C 222 -2.46 6.51 -43.05
CA LYS C 222 -1.43 5.61 -43.57
C LYS C 222 -1.80 4.20 -43.15
N ILE C 223 -1.30 3.22 -43.91
CA ILE C 223 -1.43 1.83 -43.49
C ILE C 223 -0.19 1.44 -42.69
N ALA C 224 -0.25 0.30 -42.03
CA ALA C 224 0.82 -0.14 -41.15
C ALA C 224 2.00 -0.68 -41.96
N ARG C 225 3.19 -0.45 -41.45
CA ARG C 225 4.34 -1.21 -41.89
C ARG C 225 4.48 -2.47 -41.03
N PRO C 226 4.99 -3.57 -41.58
CA PRO C 226 5.18 -4.77 -40.75
C PRO C 226 5.99 -4.50 -39.49
N GLN C 227 7.00 -3.62 -39.57
CA GLN C 227 7.82 -3.32 -38.41
C GLN C 227 7.01 -2.68 -37.28
N GLU C 228 5.93 -1.95 -37.63
CA GLU C 228 5.12 -1.33 -36.58
C GLU C 228 4.31 -2.37 -35.82
N ILE C 229 3.90 -3.46 -36.49
CA ILE C 229 3.29 -4.57 -35.75
C ILE C 229 4.34 -5.28 -34.91
N ALA C 230 5.51 -5.55 -35.50
CA ALA C 230 6.57 -6.25 -34.78
C ALA C 230 6.97 -5.50 -33.51
N ASN C 231 7.08 -4.18 -33.60
CA ASN C 231 7.45 -3.40 -32.41
C ASN C 231 6.43 -3.55 -31.30
N THR C 232 5.15 -3.67 -31.66
CA THR C 232 4.13 -3.89 -30.64
C THR C 232 4.25 -5.29 -30.03
N ILE C 233 4.56 -6.29 -30.85
CA ILE C 233 4.74 -7.64 -30.33
C ILE C 233 5.93 -7.68 -29.38
N LEU C 234 7.05 -7.06 -29.77
CA LEU C 234 8.22 -7.06 -28.90
C LEU C 234 7.90 -6.41 -27.56
N PHE C 235 7.13 -5.32 -27.56
CA PHE C 235 6.77 -4.69 -26.29
C PHE C 235 6.00 -5.67 -25.41
N LEU C 236 4.96 -6.29 -25.96
CA LEU C 236 4.13 -7.20 -25.17
C LEU C 236 4.92 -8.42 -24.71
N ALA C 237 5.95 -8.82 -25.47
CA ALA C 237 6.78 -9.96 -25.09
C ALA C 237 7.86 -9.59 -24.09
N SER C 238 8.07 -8.31 -23.84
CA SER C 238 9.21 -7.83 -23.06
C SER C 238 8.86 -7.67 -21.59
N SER C 239 9.90 -7.56 -20.77
CA SER C 239 9.72 -7.32 -19.34
C SER C 239 9.10 -5.96 -19.07
N HIS C 240 9.13 -5.04 -20.03
CA HIS C 240 8.44 -3.78 -19.81
C HIS C 240 6.94 -3.97 -19.70
N ALA C 241 6.41 -5.05 -20.27
CA ALA C 241 5.00 -5.39 -20.18
C ALA C 241 4.69 -6.35 -19.04
N SER C 242 5.52 -6.34 -17.98
CA SER C 242 5.49 -7.40 -16.99
C SER C 242 4.20 -7.46 -16.16
N HIS C 243 3.32 -6.48 -16.27
CA HIS C 243 2.02 -6.58 -15.59
C HIS C 243 0.86 -6.60 -16.56
N ILE C 244 1.11 -6.82 -17.85
CA ILE C 244 0.08 -6.79 -18.88
C ILE C 244 -0.21 -8.22 -19.27
N THR C 245 -1.45 -8.66 -19.08
CA THR C 245 -1.85 -9.94 -19.66
C THR C 245 -3.35 -9.89 -19.98
N LEU C 246 -3.74 -10.72 -20.95
CA LEU C 246 -5.11 -10.78 -21.49
C LEU C 246 -5.52 -9.49 -22.19
N GLN C 247 -4.56 -8.74 -22.74
CA GLN C 247 -4.86 -7.56 -23.51
C GLN C 247 -4.71 -7.82 -25.01
N ASP C 248 -5.29 -6.91 -25.81
CA ASP C 248 -5.27 -7.01 -27.27
C ASP C 248 -5.10 -5.58 -27.77
N ILE C 249 -3.92 -5.27 -28.31
CA ILE C 249 -3.65 -3.94 -28.82
C ILE C 249 -3.99 -3.95 -30.32
N VAL C 250 -4.95 -3.13 -30.70
CA VAL C 250 -5.25 -2.92 -32.12
C VAL C 250 -4.23 -1.93 -32.67
N VAL C 251 -3.57 -2.30 -33.75
CA VAL C 251 -2.54 -1.49 -34.37
C VAL C 251 -3.07 -1.17 -35.76
N ASP C 252 -3.83 -0.08 -35.87
CA ASP C 252 -4.57 0.15 -37.10
C ASP C 252 -4.78 1.63 -37.43
N GLY C 253 -3.98 2.53 -36.87
CA GLY C 253 -4.12 3.93 -37.16
C GLY C 253 -5.46 4.52 -36.75
N GLY C 254 -6.20 3.81 -35.91
CA GLY C 254 -7.46 4.30 -35.37
C GLY C 254 -8.69 3.92 -36.16
N SER C 255 -8.55 3.05 -37.15
CA SER C 255 -9.65 2.83 -38.09
C SER C 255 -10.87 2.21 -37.41
N THR C 256 -10.70 1.36 -36.39
CA THR C 256 -11.86 0.82 -35.69
C THR C 256 -12.37 1.75 -34.59
N LEU C 257 -11.76 2.91 -34.43
CA LEU C 257 -12.15 3.92 -33.44
C LEU C 257 -12.08 3.37 -32.02
N GLY C 258 -11.12 2.49 -31.77
CA GLY C 258 -10.90 1.94 -30.45
C GLY C 258 -11.60 0.62 -30.19
N ALA C 259 -12.48 0.17 -31.09
CA ALA C 259 -13.17 -1.09 -30.90
C ALA C 259 -12.20 -2.25 -31.17
N LEU D 12 16.53 8.12 24.29
CA LEU D 12 15.67 9.24 23.93
C LEU D 12 16.38 10.58 24.14
N ASP D 13 16.46 11.38 23.07
CA ASP D 13 17.16 12.66 23.09
C ASP D 13 16.13 13.78 22.96
N PHE D 14 16.04 14.62 23.99
CA PHE D 14 15.19 15.80 23.96
C PHE D 14 16.00 17.09 23.90
N HIS D 15 17.26 17.01 23.46
CA HIS D 15 18.08 18.21 23.40
C HIS D 15 17.39 19.30 22.57
N GLY D 16 17.34 20.51 23.13
CA GLY D 16 16.78 21.65 22.44
C GLY D 16 15.28 21.78 22.51
N GLN D 17 14.59 20.90 23.25
CA GLN D 17 13.14 20.95 23.33
C GLN D 17 12.72 21.68 24.59
N THR D 18 11.63 22.44 24.48
CA THR D 18 11.06 23.16 25.61
C THR D 18 9.99 22.27 26.26
N VAL D 19 10.15 21.98 27.55
CA VAL D 19 9.29 21.04 28.27
C VAL D 19 8.74 21.74 29.50
N TRP D 20 7.43 21.63 29.69
CA TRP D 20 6.74 22.10 30.89
C TRP D 20 6.21 20.90 31.67
N VAL D 21 6.40 20.94 32.99
CA VAL D 21 5.92 19.88 33.88
C VAL D 21 5.26 20.52 35.09
N THR D 22 3.98 20.25 35.29
CA THR D 22 3.29 20.70 36.49
C THR D 22 3.45 19.66 37.59
N GLY D 23 3.30 20.10 38.83
CA GLY D 23 3.53 19.23 39.96
C GLY D 23 4.99 18.81 40.08
N ALA D 24 5.91 19.66 39.64
CA ALA D 24 7.32 19.32 39.55
C ALA D 24 8.05 19.44 40.88
N GLY D 25 7.37 19.84 41.96
CA GLY D 25 8.06 20.05 43.23
C GLY D 25 8.53 18.77 43.88
N LYS D 26 7.91 17.65 43.57
CA LYS D 26 8.30 16.38 44.17
C LYS D 26 7.52 15.26 43.50
N GLY D 27 7.79 14.04 43.94
CA GLY D 27 7.06 12.89 43.44
C GLY D 27 7.26 12.69 41.95
N ILE D 28 6.18 12.29 41.26
CA ILE D 28 6.29 11.91 39.85
C ILE D 28 6.64 13.12 38.99
N GLY D 29 6.04 14.27 39.24
CA GLY D 29 6.38 15.45 38.47
C GLY D 29 7.84 15.82 38.59
N TYR D 30 8.40 15.68 39.79
CA TYR D 30 9.82 15.98 39.97
C TYR D 30 10.68 14.95 39.24
N ALA D 31 10.36 13.68 39.38
CA ALA D 31 11.11 12.63 38.70
C ALA D 31 11.03 12.80 37.19
N THR D 32 9.89 13.27 36.69
CA THR D 32 9.72 13.45 35.25
C THR D 32 10.53 14.64 34.76
N ALA D 33 10.46 15.75 35.50
CA ALA D 33 11.26 16.93 35.16
C ALA D 33 12.75 16.59 35.18
N LEU D 34 13.20 15.86 36.19
CA LEU D 34 14.59 15.45 36.26
C LEU D 34 14.97 14.58 35.07
N ALA D 35 14.08 13.66 34.68
CA ALA D 35 14.37 12.80 33.53
C ALA D 35 14.51 13.61 32.25
N PHE D 36 13.65 14.61 32.07
CA PHE D 36 13.76 15.45 30.89
C PHE D 36 15.07 16.26 30.92
N VAL D 37 15.46 16.75 32.09
CA VAL D 37 16.73 17.48 32.20
C VAL D 37 17.87 16.58 31.74
N GLU D 38 17.87 15.33 32.20
CA GLU D 38 18.96 14.42 31.87
C GLU D 38 18.92 14.02 30.40
N ALA D 39 17.78 14.18 29.73
CA ALA D 39 17.66 13.90 28.31
C ALA D 39 17.94 15.12 27.46
N GLY D 40 18.39 16.22 28.06
CA GLY D 40 18.82 17.39 27.32
C GLY D 40 17.79 18.48 27.13
N ALA D 41 16.62 18.35 27.74
CA ALA D 41 15.54 19.32 27.51
C ALA D 41 15.79 20.60 28.30
N ASN D 42 15.10 21.66 27.88
CA ASN D 42 15.00 22.91 28.64
C ASN D 42 13.68 22.85 29.41
N VAL D 43 13.77 22.54 30.69
CA VAL D 43 12.62 22.18 31.51
C VAL D 43 12.21 23.35 32.38
N THR D 44 10.90 23.61 32.46
CA THR D 44 10.31 24.51 33.43
C THR D 44 9.31 23.72 34.26
N GLY D 45 9.48 23.72 35.58
CA GLY D 45 8.59 23.02 36.48
C GLY D 45 7.65 24.00 37.18
N PHE D 46 6.40 23.60 37.31
CA PHE D 46 5.37 24.40 37.95
C PHE D 46 4.87 23.66 39.18
N ASP D 47 4.74 24.39 40.30
CA ASP D 47 4.22 23.77 41.50
C ASP D 47 3.81 24.86 42.47
N LEU D 48 3.01 24.46 43.47
CA LEU D 48 2.68 25.34 44.57
C LEU D 48 3.91 25.65 45.41
N ALA D 49 4.79 24.67 45.59
CA ALA D 49 5.94 24.82 46.47
C ALA D 49 7.09 23.98 45.92
N PHE D 50 8.30 24.45 46.20
CA PHE D 50 9.53 23.77 45.81
C PHE D 50 10.42 23.70 47.06
N ASP D 51 10.40 22.56 47.73
CA ASP D 51 11.16 22.36 48.95
C ASP D 51 12.36 21.47 48.69
N TYR D 55 16.85 21.92 42.64
CA TYR D 55 16.08 21.73 41.41
C TYR D 55 16.88 22.16 40.19
N PRO D 56 17.31 21.20 39.35
CA PRO D 56 18.15 21.56 38.20
C PRO D 56 17.36 22.02 36.99
N PHE D 57 16.27 22.74 37.21
CA PHE D 57 15.46 23.24 36.11
C PHE D 57 14.79 24.53 36.57
N ALA D 58 14.25 25.27 35.61
CA ALA D 58 13.53 26.50 35.94
C ALA D 58 12.28 26.14 36.73
N THR D 59 11.99 26.94 37.75
CA THR D 59 10.86 26.70 38.64
C THR D 59 9.94 27.91 38.61
N GLU D 60 8.64 27.66 38.51
CA GLU D 60 7.62 28.71 38.57
C GLU D 60 6.61 28.33 39.63
N MET D 61 6.44 29.17 40.64
CA MET D 61 5.39 28.92 41.61
C MET D 61 4.04 29.23 40.96
N LEU D 62 3.12 28.28 41.04
CA LEU D 62 1.86 28.39 40.33
C LEU D 62 0.84 27.50 41.01
N ASP D 63 -0.37 28.04 41.18
CA ASP D 63 -1.53 27.27 41.62
C ASP D 63 -2.33 26.98 40.35
N VAL D 64 -2.28 25.72 39.90
CA VAL D 64 -2.94 25.37 38.65
C VAL D 64 -4.46 25.51 38.76
N ALA D 65 -4.99 25.55 39.98
CA ALA D 65 -6.42 25.78 40.16
C ALA D 65 -6.77 27.26 40.20
N ASP D 66 -5.82 28.15 39.95
CA ASP D 66 -6.06 29.59 39.88
C ASP D 66 -6.04 29.99 38.41
N ALA D 67 -7.23 30.06 37.80
CA ALA D 67 -7.31 30.32 36.36
C ALA D 67 -6.54 31.58 35.96
N ASP D 68 -6.77 32.68 36.69
CA ASP D 68 -6.14 33.94 36.31
C ASP D 68 -4.63 33.88 36.43
N GLN D 69 -4.11 33.15 37.42
CA GLN D 69 -2.66 33.04 37.54
C GLN D 69 -2.09 32.16 36.42
N VAL D 70 -2.76 31.06 36.11
CA VAL D 70 -2.30 30.23 34.99
C VAL D 70 -2.27 31.07 33.71
N ARG D 71 -3.29 31.90 33.53
CA ARG D 71 -3.32 32.75 32.33
C ARG D 71 -2.12 33.69 32.30
N ASP D 72 -1.82 34.33 33.44
CA ASP D 72 -0.74 35.31 33.48
C ASP D 72 0.62 34.66 33.27
N VAL D 73 0.87 33.55 33.97
CA VAL D 73 2.18 32.91 33.91
C VAL D 73 2.43 32.35 32.52
N CYS D 74 1.45 31.65 31.95
CA CYS D 74 1.65 31.02 30.65
C CYS D 74 1.80 32.05 29.55
N ALA D 75 1.06 33.16 29.63
CA ALA D 75 1.21 34.19 28.61
C ALA D 75 2.59 34.82 28.65
N ARG D 76 3.11 35.05 29.87
CA ARG D 76 4.45 35.60 30.01
C ARG D 76 5.51 34.66 29.45
N LEU D 77 5.41 33.38 29.76
CA LEU D 77 6.41 32.42 29.30
C LEU D 77 6.30 32.19 27.80
N LEU D 78 5.07 32.03 27.29
CA LEU D 78 4.90 31.74 25.87
C LEU D 78 5.44 32.84 24.98
N ASN D 79 5.54 34.06 25.49
CA ASN D 79 6.07 35.15 24.68
C ASN D 79 7.55 34.97 24.35
N ASP D 80 8.27 34.16 25.14
CA ASP D 80 9.72 34.03 25.00
C ASP D 80 10.15 32.73 24.33
N ILE D 81 9.22 31.86 23.94
CA ILE D 81 9.59 30.57 23.35
C ILE D 81 8.91 30.40 22.00
N GLU D 82 9.64 29.81 21.06
CA GLU D 82 9.10 29.53 19.73
C GLU D 82 8.19 28.31 19.73
N ARG D 83 8.46 27.34 20.60
CA ARG D 83 7.74 26.08 20.62
C ARG D 83 7.56 25.61 22.06
N LEU D 84 6.38 25.09 22.37
CA LEU D 84 6.17 24.27 23.55
C LEU D 84 6.17 22.82 23.07
N ASP D 85 7.34 22.17 23.16
CA ASP D 85 7.48 20.83 22.60
C ASP D 85 6.73 19.79 23.42
N VAL D 86 6.76 19.90 24.75
CA VAL D 86 6.10 18.92 25.61
C VAL D 86 5.45 19.63 26.79
N LEU D 87 4.19 19.30 27.05
CA LEU D 87 3.50 19.68 28.27
C LEU D 87 3.16 18.42 29.04
N VAL D 88 3.58 18.36 30.31
CA VAL D 88 3.25 17.25 31.19
C VAL D 88 2.39 17.78 32.32
N ASN D 89 1.14 17.30 32.39
CA ASN D 89 0.25 17.59 33.51
C ASN D 89 0.44 16.51 34.57
N ALA D 90 1.08 16.85 35.69
CA ALA D 90 1.28 15.89 36.76
C ALA D 90 0.90 16.39 38.14
N ALA D 91 0.38 17.62 38.25
CA ALA D 91 -0.10 18.11 39.54
C ALA D 91 -1.37 17.39 39.94
N GLY D 92 -1.50 17.08 41.23
CA GLY D 92 -2.69 16.43 41.73
C GLY D 92 -2.67 16.33 43.23
N ILE D 93 -3.84 16.08 43.81
CA ILE D 93 -3.99 15.87 45.24
C ILE D 93 -4.87 14.67 45.49
N LEU D 94 -4.68 14.05 46.65
CA LEU D 94 -5.44 12.89 47.07
C LEU D 94 -6.14 13.23 48.36
N ARG D 95 -7.48 13.20 48.33
CA ARG D 95 -8.31 13.38 49.51
C ARG D 95 -9.22 12.16 49.61
N MET D 96 -9.06 11.38 50.68
CA MET D 96 -9.75 10.11 50.80
C MET D 96 -10.94 10.21 51.75
N GLY D 97 -11.87 9.27 51.58
CA GLY D 97 -12.97 9.13 52.51
C GLY D 97 -14.13 8.40 51.88
N ALA D 98 -14.98 7.85 52.75
CA ALA D 98 -16.24 7.30 52.26
C ALA D 98 -17.05 8.41 51.61
N THR D 99 -17.72 8.07 50.51
CA THR D 99 -18.39 9.10 49.72
C THR D 99 -19.30 9.98 50.58
N ASP D 100 -20.07 9.38 51.48
CA ASP D 100 -21.03 10.17 52.25
C ASP D 100 -20.41 10.81 53.49
N GLN D 101 -19.10 10.66 53.69
CA GLN D 101 -18.39 11.36 54.74
C GLN D 101 -17.43 12.41 54.20
N LEU D 102 -17.23 12.48 52.88
CA LEU D 102 -16.28 13.42 52.32
C LEU D 102 -16.74 14.85 52.51
N SER D 103 -15.82 15.71 52.93
CA SER D 103 -16.14 17.11 53.23
C SER D 103 -16.34 17.89 51.93
N ALA D 104 -17.14 18.96 52.03
CA ALA D 104 -17.36 19.83 50.88
C ALA D 104 -16.05 20.41 50.38
N GLU D 105 -15.15 20.76 51.31
CA GLU D 105 -13.85 21.29 50.90
C GLU D 105 -13.04 20.24 50.14
N ASP D 106 -13.03 19.00 50.62
CA ASP D 106 -12.25 17.97 49.96
C ASP D 106 -12.81 17.65 48.58
N TRP D 107 -14.15 17.65 48.44
CA TRP D 107 -14.75 17.44 47.13
C TRP D 107 -14.36 18.55 46.16
N GLN D 108 -14.55 19.80 46.58
CA GLN D 108 -14.32 20.94 45.70
C GLN D 108 -12.87 21.04 45.28
N GLN D 109 -11.94 20.87 46.23
CA GLN D 109 -10.53 21.03 45.90
C GLN D 109 -10.02 19.88 45.04
N THR D 110 -10.53 18.67 45.25
CA THR D 110 -10.12 17.53 44.42
C THR D 110 -10.37 17.83 42.94
N PHE D 111 -11.56 18.33 42.62
CA PHE D 111 -11.87 18.63 41.22
C PHE D 111 -11.18 19.89 40.74
N ALA D 112 -11.04 20.90 41.60
CA ALA D 112 -10.40 22.14 41.17
C ALA D 112 -8.96 21.88 40.73
N VAL D 113 -8.23 21.06 41.48
CA VAL D 113 -6.84 20.78 41.15
C VAL D 113 -6.74 19.69 40.08
N ASN D 114 -7.41 18.56 40.30
CA ASN D 114 -7.15 17.37 39.49
C ASN D 114 -7.73 17.47 38.09
N VAL D 115 -8.82 18.22 37.90
CA VAL D 115 -9.40 18.47 36.58
C VAL D 115 -9.18 19.91 36.14
N GLY D 116 -9.45 20.85 37.04
CA GLY D 116 -9.38 22.26 36.67
C GLY D 116 -7.98 22.72 36.32
N GLY D 117 -6.97 22.13 36.96
CA GLY D 117 -5.60 22.53 36.67
C GLY D 117 -5.23 22.27 35.22
N ALA D 118 -5.49 21.05 34.75
CA ALA D 118 -5.24 20.72 33.35
C ALA D 118 -6.12 21.55 32.42
N PHE D 119 -7.40 21.71 32.77
CA PHE D 119 -8.28 22.56 31.99
C PHE D 119 -7.66 23.94 31.80
N ASN D 120 -7.14 24.54 32.88
CA ASN D 120 -6.51 25.85 32.78
C ASN D 120 -5.28 25.80 31.87
N LEU D 121 -4.40 24.82 32.07
CA LEU D 121 -3.24 24.71 31.21
C LEU D 121 -3.64 24.56 29.75
N PHE D 122 -4.65 23.72 29.48
CA PHE D 122 -5.11 23.55 28.11
C PHE D 122 -5.64 24.86 27.54
N GLN D 123 -6.42 25.61 28.33
CA GLN D 123 -6.97 26.86 27.82
C GLN D 123 -5.87 27.83 27.43
N GLN D 124 -4.73 27.78 28.10
CA GLN D 124 -3.65 28.73 27.86
C GLN D 124 -2.61 28.23 26.86
N THR D 125 -2.63 26.95 26.48
CA THR D 125 -1.60 26.40 25.60
C THR D 125 -2.13 25.88 24.27
N MET D 126 -3.43 25.66 24.11
CA MET D 126 -3.91 25.04 22.87
C MET D 126 -3.60 25.92 21.66
N ALA D 127 -3.80 27.24 21.78
CA ALA D 127 -3.50 28.11 20.64
C ALA D 127 -2.04 27.98 20.23
N GLN D 128 -1.13 27.87 21.20
CA GLN D 128 0.29 27.67 20.89
C GLN D 128 0.51 26.36 20.15
N PHE D 129 -0.11 25.28 20.64
CA PHE D 129 0.03 23.99 19.95
C PHE D 129 -0.49 24.08 18.52
N ARG D 130 -1.61 24.78 18.31
CA ARG D 130 -2.13 24.93 16.95
C ARG D 130 -1.18 25.72 16.08
N ARG D 131 -0.61 26.81 16.61
CA ARG D 131 0.23 27.68 15.80
C ARG D 131 1.51 26.97 15.36
N GLN D 132 2.13 26.21 16.26
CA GLN D 132 3.41 25.57 15.98
C GLN D 132 3.26 24.27 15.20
N ARG D 133 2.07 23.66 15.21
CA ARG D 133 1.75 22.46 14.44
C ARG D 133 2.65 21.29 14.85
N GLY D 134 2.39 20.79 16.03
CA GLY D 134 3.11 19.64 16.55
C GLY D 134 3.27 19.79 18.06
N GLY D 135 4.00 18.84 18.62
CA GLY D 135 4.23 18.77 20.05
C GLY D 135 3.49 17.60 20.67
N ALA D 136 3.74 17.42 21.96
CA ALA D 136 3.18 16.30 22.69
C ALA D 136 2.70 16.74 24.06
N ILE D 137 1.57 16.17 24.48
CA ILE D 137 1.03 16.35 25.82
C ILE D 137 0.96 14.99 26.48
N VAL D 138 1.38 14.91 27.74
CA VAL D 138 1.21 13.72 28.56
C VAL D 138 0.57 14.15 29.87
N THR D 139 -0.54 13.52 30.22
CA THR D 139 -1.25 13.80 31.45
C THR D 139 -1.22 12.57 32.35
N VAL D 140 -0.96 12.80 33.64
CA VAL D 140 -0.87 11.72 34.62
C VAL D 140 -2.25 11.55 35.24
N ALA D 141 -2.87 10.41 34.96
CA ALA D 141 -4.18 10.10 35.55
C ALA D 141 -3.94 9.26 36.80
N SER D 142 -4.54 8.06 36.85
CA SER D 142 -4.43 7.19 38.02
C SER D 142 -5.11 5.88 37.69
N ASP D 143 -4.63 4.78 38.31
CA ASP D 143 -5.38 3.53 38.16
C ASP D 143 -6.78 3.64 38.77
N ALA D 144 -6.99 4.61 39.67
CA ALA D 144 -8.33 4.82 40.22
C ALA D 144 -9.32 5.33 39.19
N ALA D 145 -8.86 5.85 38.05
CA ALA D 145 -9.74 6.19 36.94
C ALA D 145 -10.14 4.97 36.13
N HIS D 146 -9.51 3.81 36.38
CA HIS D 146 -9.75 2.59 35.64
C HIS D 146 -10.59 1.57 36.38
N THR D 147 -10.73 1.72 37.69
CA THR D 147 -11.39 0.71 38.51
C THR D 147 -11.87 1.41 39.76
N PRO D 148 -13.05 1.08 40.29
CA PRO D 148 -13.55 1.74 41.51
C PRO D 148 -12.73 1.35 42.73
N ARG D 149 -12.38 2.35 43.54
CA ARG D 149 -11.55 2.18 44.73
C ARG D 149 -12.31 2.68 45.95
N ILE D 150 -12.64 1.77 46.88
CA ILE D 150 -13.23 2.18 48.14
C ILE D 150 -12.33 3.19 48.82
N GLY D 151 -12.93 4.29 49.29
CA GLY D 151 -12.19 5.35 49.95
C GLY D 151 -11.65 6.42 49.03
N MET D 152 -11.74 6.23 47.71
CA MET D 152 -11.19 7.18 46.75
C MET D 152 -12.21 7.58 45.68
N SER D 153 -13.50 7.59 46.03
CA SER D 153 -14.52 7.86 45.02
C SER D 153 -14.28 9.19 44.32
N ALA D 154 -14.04 10.26 45.09
CA ALA D 154 -13.84 11.58 44.49
C ALA D 154 -12.54 11.64 43.71
N TYR D 155 -11.46 11.13 44.30
CA TYR D 155 -10.18 11.10 43.61
C TYR D 155 -10.30 10.39 42.27
N GLY D 156 -10.83 9.17 42.27
CA GLY D 156 -10.97 8.42 41.03
C GLY D 156 -11.87 9.12 40.04
N ALA D 157 -12.95 9.74 40.52
CA ALA D 157 -13.85 10.45 39.61
C ALA D 157 -13.15 11.67 39.00
N SER D 158 -12.37 12.40 39.79
CA SER D 158 -11.64 13.53 39.24
C SER D 158 -10.60 13.07 38.21
N LYS D 159 -9.99 11.91 38.44
CA LYS D 159 -9.01 11.41 37.48
C LYS D 159 -9.67 10.91 36.22
N ALA D 160 -10.89 10.36 36.32
CA ALA D 160 -11.63 9.95 35.13
C ALA D 160 -12.02 11.17 34.29
N ALA D 161 -12.45 12.26 34.95
CA ALA D 161 -12.72 13.48 34.21
C ALA D 161 -11.46 14.01 33.55
N LEU D 162 -10.35 14.02 34.28
CA LEU D 162 -9.07 14.44 33.71
C LEU D 162 -8.75 13.67 32.44
N LYS D 163 -8.88 12.34 32.49
CA LYS D 163 -8.57 11.53 31.31
C LYS D 163 -9.48 11.88 30.14
N SER D 164 -10.79 11.95 30.40
CA SER D 164 -11.74 12.28 29.33
C SER D 164 -11.41 13.64 28.73
N LEU D 165 -11.15 14.63 29.58
CA LEU D 165 -10.77 15.96 29.11
C LEU D 165 -9.53 15.88 28.22
N ALA D 166 -8.48 15.23 28.70
CA ALA D 166 -7.24 15.14 27.93
C ALA D 166 -7.44 14.42 26.60
N LEU D 167 -8.33 13.43 26.56
CA LEU D 167 -8.56 12.73 25.31
C LEU D 167 -9.29 13.61 24.29
N THR D 168 -10.28 14.38 24.75
CA THR D 168 -10.99 15.25 23.82
C THR D 168 -10.09 16.37 23.34
N VAL D 169 -9.23 16.90 24.23
CA VAL D 169 -8.23 17.87 23.81
C VAL D 169 -7.31 17.25 22.77
N GLY D 170 -6.91 16.00 22.97
CA GLY D 170 -6.10 15.33 21.96
C GLY D 170 -6.80 15.28 20.61
N LEU D 171 -8.08 14.96 20.60
CA LEU D 171 -8.81 14.93 19.34
C LEU D 171 -8.93 16.33 18.74
N GLU D 172 -9.12 17.35 19.58
CA GLU D 172 -9.19 18.72 19.10
C GLU D 172 -7.87 19.18 18.48
N LEU D 173 -6.74 18.65 18.96
CA LEU D 173 -5.43 19.10 18.49
C LEU D 173 -4.81 18.15 17.47
N ALA D 174 -5.44 17.01 17.19
CA ALA D 174 -4.83 16.03 16.30
C ALA D 174 -4.63 16.60 14.90
N GLY D 175 -5.55 17.45 14.44
CA GLY D 175 -5.42 18.06 13.13
C GLY D 175 -4.23 18.97 13.01
N SER D 176 -3.69 19.43 14.13
CA SER D 176 -2.46 20.22 14.15
C SER D 176 -1.22 19.37 14.30
N GLY D 177 -1.37 18.04 14.28
CA GLY D 177 -0.25 17.14 14.44
C GLY D 177 0.17 16.90 15.86
N VAL D 178 -0.59 17.36 16.83
CA VAL D 178 -0.24 17.23 18.24
C VAL D 178 -0.67 15.86 18.75
N ARG D 179 0.19 15.20 19.51
CA ARG D 179 -0.13 13.95 20.18
C ARG D 179 -0.42 14.22 21.64
N CYS D 180 -1.34 13.44 22.20
CA CYS D 180 -1.88 13.69 23.52
C CYS D 180 -2.21 12.35 24.16
N ASN D 181 -1.50 11.99 25.22
CA ASN D 181 -1.60 10.67 25.82
C ASN D 181 -1.59 10.79 27.33
N LEU D 182 -1.85 9.66 27.99
CA LEU D 182 -1.91 9.62 29.44
C LEU D 182 -1.08 8.45 29.97
N VAL D 183 -0.69 8.59 31.23
CA VAL D 183 -0.11 7.52 32.02
CA VAL D 183 -0.11 7.52 32.02
C VAL D 183 -0.92 7.41 33.30
N SER D 184 -1.28 6.19 33.67
CA SER D 184 -2.11 5.94 34.86
C SER D 184 -1.29 5.07 35.81
N PRO D 185 -0.58 5.67 36.76
CA PRO D 185 0.21 4.86 37.69
C PRO D 185 -0.67 4.15 38.71
N GLY D 186 -0.22 2.95 39.10
CA GLY D 186 -0.69 2.33 40.32
C GLY D 186 0.13 2.85 41.48
N SER D 187 0.08 2.12 42.59
CA SER D 187 0.82 2.52 43.77
C SER D 187 2.27 2.83 43.42
N THR D 188 2.71 4.03 43.80
CA THR D 188 4.05 4.51 43.48
C THR D 188 4.69 5.09 44.73
N ASP D 189 5.96 4.77 44.94
CA ASP D 189 6.70 5.28 46.08
C ASP D 189 6.95 6.78 45.90
N THR D 190 6.15 7.60 46.56
CA THR D 190 6.38 9.05 46.58
C THR D 190 6.07 9.61 47.97
N ASP D 201 5.90 -2.37 55.58
CA ASP D 201 4.95 -3.47 55.65
C ASP D 201 3.66 -3.16 54.89
N ALA D 202 3.28 -1.88 54.90
CA ALA D 202 2.14 -1.45 54.10
C ALA D 202 2.38 -1.69 52.62
N GLU D 203 3.64 -1.63 52.20
CA GLU D 203 4.00 -2.00 50.83
C GLU D 203 3.66 -3.46 50.55
N GLN D 204 4.03 -4.35 51.48
CA GLN D 204 3.74 -5.77 51.30
C GLN D 204 2.23 -6.02 51.29
N GLN D 205 1.47 -5.27 52.08
CA GLN D 205 0.01 -5.43 52.05
C GLN D 205 -0.56 -5.00 50.70
N ARG D 206 -0.05 -3.90 50.15
CA ARG D 206 -0.51 -3.45 48.84
C ARG D 206 -0.20 -4.50 47.78
N ILE D 207 1.00 -5.06 47.82
CA ILE D 207 1.38 -6.08 46.83
C ILE D 207 0.47 -7.29 46.96
N ARG D 208 0.09 -7.63 48.19
CA ARG D 208 -0.79 -8.78 48.42
C ARG D 208 -2.23 -8.50 48.02
N GLY D 209 -2.69 -7.26 48.15
CA GLY D 209 -4.07 -6.93 47.90
C GLY D 209 -4.90 -6.97 49.18
N PHE D 210 -6.16 -6.54 49.04
CA PHE D 210 -7.10 -6.57 50.18
C PHE D 210 -8.43 -7.07 49.63
N GLY D 211 -8.65 -8.38 49.75
CA GLY D 211 -9.80 -9.00 49.11
C GLY D 211 -11.13 -8.50 49.63
N GLU D 212 -11.20 -8.16 50.92
CA GLU D 212 -12.50 -7.76 51.46
C GLU D 212 -12.91 -6.37 51.02
N GLN D 213 -11.99 -5.58 50.47
CA GLN D 213 -12.33 -4.32 49.81
C GLN D 213 -12.21 -4.41 48.29
N PHE D 214 -12.11 -5.63 47.75
CA PHE D 214 -12.11 -5.85 46.30
C PHE D 214 -10.99 -5.09 45.61
N LYS D 215 -9.81 -5.11 46.24
CA LYS D 215 -8.60 -4.50 45.71
C LYS D 215 -7.60 -5.60 45.40
N LEU D 216 -7.28 -5.77 44.12
CA LEU D 216 -6.34 -6.82 43.73
C LEU D 216 -4.92 -6.44 44.14
N GLY D 217 -4.12 -7.47 44.39
CA GLY D 217 -2.69 -7.28 44.60
C GLY D 217 -1.99 -6.93 43.29
N ILE D 218 -0.65 -6.97 43.35
CA ILE D 218 0.19 -6.57 42.22
C ILE D 218 0.89 -7.81 41.68
N PRO D 219 0.54 -8.27 40.45
CA PRO D 219 1.16 -9.48 39.92
C PRO D 219 2.68 -9.44 39.84
N LEU D 220 3.29 -8.29 39.54
CA LEU D 220 4.74 -8.20 39.46
C LEU D 220 5.42 -8.18 40.83
N GLY D 221 4.67 -8.15 41.92
CA GLY D 221 5.23 -8.32 43.25
C GLY D 221 6.00 -7.14 43.79
N LYS D 222 5.69 -5.93 43.32
CA LYS D 222 6.43 -4.74 43.70
C LYS D 222 5.58 -3.53 43.35
N ILE D 223 5.86 -2.40 44.01
CA ILE D 223 5.20 -1.16 43.66
C ILE D 223 6.10 -0.36 42.72
N ALA D 224 5.57 0.73 42.19
CA ALA D 224 6.26 1.51 41.18
C ALA D 224 7.28 2.44 41.83
N ARG D 225 8.38 2.66 41.11
CA ARG D 225 9.28 3.76 41.44
C ARG D 225 8.92 4.97 40.59
N PRO D 226 9.07 6.19 41.12
CA PRO D 226 8.74 7.36 40.30
C PRO D 226 9.44 7.37 38.96
N GLN D 227 10.67 6.85 38.89
CA GLN D 227 11.39 6.85 37.62
C GLN D 227 10.72 5.93 36.60
N GLU D 228 10.04 4.88 37.07
CA GLU D 228 9.34 4.02 36.13
C GLU D 228 8.15 4.72 35.50
N ILE D 229 7.46 5.57 36.26
CA ILE D 229 6.42 6.43 35.69
C ILE D 229 7.03 7.43 34.72
N ALA D 230 8.14 8.06 35.13
CA ALA D 230 8.79 9.04 34.27
C ALA D 230 9.25 8.42 32.96
N ASN D 231 9.81 7.20 33.01
CA ASN D 231 10.25 6.54 31.78
C ASN D 231 9.10 6.46 30.78
N THR D 232 7.90 6.19 31.26
CA THR D 232 6.75 6.05 30.37
C THR D 232 6.31 7.40 29.81
N ILE D 233 6.34 8.43 30.64
CA ILE D 233 6.02 9.78 30.17
C ILE D 233 7.00 10.20 29.08
N LEU D 234 8.30 9.97 29.31
CA LEU D 234 9.28 10.36 28.30
C LEU D 234 9.06 9.60 26.99
N PHE D 235 8.75 8.31 27.07
CA PHE D 235 8.45 7.57 25.85
C PHE D 235 7.30 8.23 25.09
N LEU D 236 6.15 8.43 25.76
CA LEU D 236 4.99 9.00 25.09
C LEU D 236 5.27 10.41 24.58
N ALA D 237 6.18 11.13 25.23
CA ALA D 237 6.52 12.47 24.79
C ALA D 237 7.51 12.49 23.64
N SER D 238 8.13 11.35 23.33
CA SER D 238 9.24 11.28 22.39
C SER D 238 8.76 10.99 20.96
N SER D 239 9.68 11.19 20.02
CA SER D 239 9.43 10.85 18.62
C SER D 239 9.31 9.36 18.38
N HIS D 240 9.70 8.51 19.33
CA HIS D 240 9.47 7.08 19.17
C HIS D 240 8.00 6.71 19.33
N ALA D 241 7.17 7.61 19.85
CA ALA D 241 5.74 7.41 19.96
C ALA D 241 4.97 8.26 18.92
N SER D 242 5.58 8.48 17.75
CA SER D 242 5.09 9.45 16.77
C SER D 242 3.76 9.05 16.11
N HIS D 243 3.27 7.84 16.30
CA HIS D 243 1.95 7.49 15.81
C HIS D 243 0.99 7.14 16.94
N ILE D 244 1.36 7.43 18.19
CA ILE D 244 0.54 7.11 19.35
C ILE D 244 -0.14 8.37 19.84
N THR D 245 -1.47 8.38 19.83
CA THR D 245 -2.22 9.44 20.50
C THR D 245 -3.56 8.89 20.97
N LEU D 246 -4.11 9.56 21.99
CA LEU D 246 -5.36 9.17 22.66
C LEU D 246 -5.21 7.85 23.43
N GLN D 247 -3.99 7.51 23.84
CA GLN D 247 -3.74 6.28 24.57
C GLN D 247 -3.48 6.59 26.04
N ASP D 248 -3.69 5.58 26.87
CA ASP D 248 -3.49 5.69 28.32
C ASP D 248 -2.78 4.42 28.77
N ILE D 249 -1.51 4.55 29.14
CA ILE D 249 -0.71 3.41 29.58
C ILE D 249 -0.82 3.30 31.10
N VAL D 250 -1.38 2.19 31.57
CA VAL D 250 -1.38 1.91 33.00
C VAL D 250 -0.03 1.32 33.38
N VAL D 251 0.59 1.88 34.41
CA VAL D 251 1.91 1.45 34.88
C VAL D 251 1.68 1.01 36.33
N ASP D 252 1.31 -0.26 36.50
CA ASP D 252 0.84 -0.72 37.81
C ASP D 252 1.22 -2.17 38.10
N GLY D 253 2.21 -2.72 37.42
CA GLY D 253 2.57 -4.10 37.69
C GLY D 253 1.47 -5.10 37.42
N GLY D 254 0.44 -4.72 36.67
CA GLY D 254 -0.62 -5.63 36.32
C GLY D 254 -1.80 -5.67 37.27
N SER D 255 -1.85 -4.79 38.26
CA SER D 255 -2.84 -4.92 39.34
C SER D 255 -4.28 -4.75 38.83
N THR D 256 -4.51 -3.88 37.85
CA THR D 256 -5.87 -3.78 37.30
C THR D 256 -6.16 -4.84 36.26
N LEU D 257 -5.22 -5.75 36.01
CA LEU D 257 -5.39 -6.86 35.07
C LEU D 257 -5.68 -6.36 33.66
N GLY D 258 -5.11 -5.21 33.30
CA GLY D 258 -5.28 -4.65 31.98
C GLY D 258 -6.44 -3.69 31.82
N ALA D 259 -7.25 -3.51 32.86
CA ALA D 259 -8.36 -2.58 32.79
C ALA D 259 -7.85 -1.15 32.96
#